data_5DZV
#
_entry.id   5DZV
#
_cell.length_a   60.440
_cell.length_b   106.450
_cell.length_c   558.829
_cell.angle_alpha   90.00
_cell.angle_beta   90.00
_cell.angle_gamma   90.00
#
_symmetry.space_group_name_H-M   'I 2 2 2'
#
loop_
_entity.id
_entity.type
_entity.pdbx_description
1 polymer 'Protein Pcdha7'
2 branched alpha-L-fucopyranose-(1-6)-2-acetamido-2-deoxy-beta-D-glucopyranose
3 branched alpha-D-mannopyranose-(1-3)-[alpha-D-mannopyranose-(1-6)]beta-D-mannopyranose-(1-4)-2-acetamido-2-deoxy-beta-D-glucopyranose-(1-4)-[alpha-L-fucopyranose-(1-6)]2-acetamido-2-deoxy-beta-D-glucopyranose
4 branched beta-D-mannopyranose-(1-4)-2-acetamido-2-deoxy-beta-D-glucopyranose-(1-4)-2-acetamido-2-deoxy-beta-D-glucopyranose
5 non-polymer 'CALCIUM ION'
6 non-polymer alpha-D-mannopyranose
7 non-polymer 2-acetamido-2-deoxy-beta-D-glucopyranose
8 water water
#
_entity_poly.entity_id   1
_entity_poly.type   'polypeptide(L)'
_entity_poly.pdbx_seq_one_letter_code
;QLHYSVPEEAKHGTFVGRIAQDLGLELTELVPRLFRVASKDRGDLLEVNLQNGILFVNSRIDREELCGRSAECSIHLEVI
VDRPLQVFHVEVEVKDINDNPPMFPATQKALFILESRLLDSRFPLEGASDADVGSNALLTYRLSTNEHFSLDVPPNHEQV
KPLGLVLRKPLDREEAAEIRLLLTATDGGKPELTGTVQLLITVLDVNDNAPVFDRSLYTVKLPENVPNGTLVIKVNASDL
DEGVNGDVMYSFSSDVSSDIKSKFHMDTVSGEITVIGIIDFEESKAYKIPLEARDKGFPQLPGHCTILVEVVDANDNAPQ
LTVSSLSLPVSEDSQPGRVVTLISVFDRDSGANGQVTCSLTPHIPFKLVSTFKNYYSLVLDSALDRETIANYDVIVTARD
GGSPSLWATASVSVEVADVNDNAPLFAQPEYTVFVKENNPPGAHIFTVSAMDADAQENALVSYSLVERRVGERLLSSYVS
VHAESGKVFALQPLDHEELELLQFQVSARDAGVPALGSNVTLQVFVLDENDHHHHHHHH
;
_entity_poly.pdbx_strand_id   A,B
#
# COMPACT_ATOMS: atom_id res chain seq x y z
N GLN A 1 52.08 -23.15 43.02
CA GLN A 1 51.16 -22.02 43.00
C GLN A 1 50.87 -21.54 44.41
N LEU A 2 50.06 -20.49 44.48
CA LEU A 2 49.60 -19.92 45.73
C LEU A 2 48.41 -19.07 45.36
N HIS A 3 47.32 -19.15 46.13
CA HIS A 3 46.11 -18.46 45.74
C HIS A 3 45.66 -17.42 46.75
N TYR A 4 45.46 -16.21 46.25
CA TYR A 4 44.93 -15.11 47.03
C TYR A 4 43.69 -14.55 46.32
N SER A 5 42.61 -14.32 47.06
CA SER A 5 41.40 -13.78 46.47
C SER A 5 41.23 -12.30 46.80
N VAL A 6 41.16 -11.47 45.77
CA VAL A 6 40.99 -10.03 45.94
C VAL A 6 39.83 -9.50 45.11
N PRO A 7 38.89 -8.81 45.76
CA PRO A 7 37.76 -8.18 45.05
C PRO A 7 38.26 -7.06 44.14
N GLU A 8 37.69 -6.96 42.94
CA GLU A 8 38.09 -5.92 42.00
C GLU A 8 37.77 -4.53 42.53
N GLU A 9 38.64 -3.57 42.21
CA GLU A 9 38.50 -2.17 42.64
C GLU A 9 38.44 -2.06 44.16
N ALA A 10 39.56 -2.37 44.80
CA ALA A 10 39.66 -2.29 46.25
C ALA A 10 40.37 -1.00 46.67
N LYS A 11 40.31 -0.67 47.95
CA LYS A 11 40.98 0.51 48.48
C LYS A 11 42.49 0.37 48.32
N HIS A 12 43.18 1.51 48.21
CA HIS A 12 44.63 1.51 48.08
C HIS A 12 45.31 0.92 49.30
N GLY A 13 46.19 -0.05 49.07
CA GLY A 13 46.91 -0.71 50.14
C GLY A 13 46.08 -1.71 50.93
N THR A 14 45.18 -2.39 50.23
CA THR A 14 44.34 -3.41 50.86
C THR A 14 45.16 -4.69 51.08
N PHE A 15 45.02 -5.28 52.27
CA PHE A 15 45.78 -6.48 52.61
C PHE A 15 45.41 -7.65 51.71
N VAL A 16 46.41 -8.21 51.04
CA VAL A 16 46.22 -9.35 50.15
C VAL A 16 46.63 -10.65 50.83
N GLY A 17 47.87 -10.69 51.30
CA GLY A 17 48.37 -11.86 51.99
C GLY A 17 49.83 -11.77 52.40
N ARG A 18 50.19 -12.45 53.48
CA ARG A 18 51.57 -12.46 53.96
C ARG A 18 52.42 -13.41 53.12
N ILE A 19 52.75 -12.96 51.91
CA ILE A 19 53.47 -13.78 50.93
C ILE A 19 54.85 -14.18 51.44
N ALA A 20 55.44 -13.34 52.29
CA ALA A 20 56.78 -13.59 52.82
C ALA A 20 56.85 -14.91 53.61
N GLN A 21 56.06 -15.02 54.68
CA GLN A 21 56.09 -16.21 55.52
C GLN A 21 55.38 -17.38 54.83
N ASP A 22 54.54 -17.09 53.85
CA ASP A 22 53.82 -18.13 53.12
C ASP A 22 54.75 -18.86 52.15
N LEU A 23 55.79 -18.17 51.70
CA LEU A 23 56.76 -18.76 50.78
C LEU A 23 58.02 -19.26 51.48
N GLY A 24 57.95 -19.37 52.81
CA GLY A 24 59.07 -19.87 53.58
C GLY A 24 60.31 -18.98 53.49
N LEU A 25 60.10 -17.68 53.61
CA LEU A 25 61.20 -16.72 53.56
C LEU A 25 61.14 -15.77 54.75
N GLU A 26 62.28 -15.60 55.42
CA GLU A 26 62.38 -14.70 56.57
CA GLU A 26 62.38 -14.70 56.57
C GLU A 26 62.60 -13.26 56.14
N LEU A 27 62.23 -12.33 57.00
CA LEU A 27 62.43 -10.90 56.75
C LEU A 27 63.91 -10.61 56.56
N THR A 28 64.74 -11.30 57.34
CA THR A 28 66.19 -11.14 57.31
C THR A 28 66.77 -11.41 55.92
N GLU A 29 66.19 -12.37 55.21
CA GLU A 29 66.58 -12.62 53.82
C GLU A 29 65.92 -11.63 52.88
N LEU A 30 64.69 -11.25 53.21
CA LEU A 30 63.88 -10.41 52.34
C LEU A 30 64.45 -9.00 52.16
N VAL A 31 64.98 -8.41 53.24
CA VAL A 31 65.44 -7.02 53.19
C VAL A 31 66.66 -6.79 52.27
N PRO A 32 67.77 -7.54 52.45
CA PRO A 32 68.93 -7.21 51.62
C PRO A 32 68.82 -7.78 50.20
N ARG A 33 68.38 -9.03 50.09
CA ARG A 33 68.21 -9.68 48.81
C ARG A 33 67.11 -8.97 48.03
N LEU A 34 67.38 -8.64 46.78
CA LEU A 34 66.41 -7.94 45.95
C LEU A 34 65.13 -8.76 45.81
N PHE A 35 64.04 -8.24 46.37
CA PHE A 35 62.76 -8.93 46.33
C PHE A 35 61.90 -8.27 45.26
N ARG A 36 61.72 -8.96 44.14
CA ARG A 36 61.02 -8.39 43.01
C ARG A 36 59.70 -9.09 42.72
N VAL A 37 58.67 -8.30 42.43
CA VAL A 37 57.39 -8.86 41.99
C VAL A 37 57.00 -8.22 40.66
N ALA A 38 56.83 -9.07 39.65
CA ALA A 38 56.53 -8.60 38.31
C ALA A 38 55.33 -9.34 37.72
N SER A 39 54.52 -8.63 36.94
CA SER A 39 53.35 -9.26 36.33
C SER A 39 53.10 -8.74 34.93
N LYS A 40 52.33 -9.50 34.16
CA LYS A 40 51.92 -9.09 32.82
C LYS A 40 50.81 -8.04 32.91
N ASP A 41 50.12 -7.81 31.79
CA ASP A 41 49.09 -6.78 31.73
C ASP A 41 49.68 -5.43 32.15
N ARG A 42 49.11 -4.84 33.19
CA ARG A 42 49.64 -3.60 33.73
C ARG A 42 50.95 -3.86 34.48
N GLY A 43 50.93 -4.83 35.40
CA GLY A 43 52.11 -5.21 36.13
C GLY A 43 52.43 -4.28 37.30
N ASP A 44 51.50 -3.37 37.58
CA ASP A 44 51.69 -2.40 38.65
C ASP A 44 50.50 -2.42 39.62
N LEU A 45 49.67 -3.45 39.49
CA LEU A 45 48.49 -3.59 40.32
C LEU A 45 48.83 -3.93 41.77
N LEU A 46 49.76 -4.86 41.96
CA LEU A 46 50.15 -5.28 43.30
C LEU A 46 51.62 -4.95 43.57
N GLU A 47 51.94 -4.75 44.85
CA GLU A 47 53.31 -4.51 45.26
C GLU A 47 53.49 -4.92 46.72
N VAL A 48 54.72 -5.28 47.08
CA VAL A 48 55.03 -5.74 48.42
C VAL A 48 55.84 -4.71 49.21
N ASN A 49 55.43 -4.44 50.44
CA ASN A 49 56.25 -3.59 51.31
C ASN A 49 57.19 -4.49 52.10
N LEU A 50 58.47 -4.12 52.08
CA LEU A 50 59.55 -4.96 52.60
C LEU A 50 59.76 -4.83 54.10
N GLN A 51 59.36 -3.70 54.68
CA GLN A 51 59.56 -3.44 56.10
C GLN A 51 58.90 -4.51 56.98
N ASN A 52 57.67 -4.88 56.62
CA ASN A 52 56.97 -5.94 57.32
C ASN A 52 56.77 -7.17 56.43
N GLY A 53 57.27 -7.08 55.20
CA GLY A 53 57.17 -8.18 54.25
C GLY A 53 55.75 -8.62 53.97
N ILE A 54 54.95 -7.72 53.39
CA ILE A 54 53.56 -8.06 53.08
C ILE A 54 53.17 -7.62 51.68
N LEU A 55 52.12 -8.23 51.12
CA LEU A 55 51.63 -7.89 49.79
C LEU A 55 50.37 -7.03 49.84
N PHE A 56 50.29 -6.02 48.99
CA PHE A 56 49.16 -5.11 48.98
C PHE A 56 48.84 -4.57 47.58
N VAL A 57 47.64 -4.01 47.45
CA VAL A 57 47.19 -3.40 46.20
C VAL A 57 47.85 -2.03 46.02
N ASN A 58 48.49 -1.83 44.87
CA ASN A 58 49.16 -0.57 44.58
C ASN A 58 48.31 0.37 43.73
N SER A 59 47.73 -0.16 42.67
CA SER A 59 46.91 0.65 41.78
C SER A 59 45.50 0.08 41.68
N ARG A 60 44.58 0.88 41.13
CA ARG A 60 43.19 0.46 40.97
C ARG A 60 43.09 -0.81 40.12
N ILE A 61 42.27 -1.74 40.57
CA ILE A 61 42.10 -3.01 39.87
C ILE A 61 40.75 -3.08 39.15
N ASP A 62 40.79 -2.90 37.84
CA ASP A 62 39.59 -3.01 37.01
C ASP A 62 39.58 -4.37 36.32
N ARG A 63 38.73 -5.27 36.81
CA ARG A 63 38.67 -6.63 36.29
C ARG A 63 38.25 -6.66 34.83
N GLU A 64 37.32 -5.79 34.46
CA GLU A 64 36.81 -5.75 33.09
C GLU A 64 37.87 -5.27 32.11
N GLU A 65 38.87 -4.56 32.62
CA GLU A 65 39.97 -4.09 31.78
C GLU A 65 40.96 -5.22 31.50
N LEU A 66 41.07 -6.16 32.45
CA LEU A 66 42.03 -7.25 32.33
C LEU A 66 41.45 -8.51 31.70
N CYS A 67 40.30 -8.95 32.19
CA CYS A 67 39.72 -10.20 31.73
C CYS A 67 38.55 -10.01 30.77
N GLY A 68 38.07 -8.78 30.66
CA GLY A 68 36.96 -8.48 29.77
C GLY A 68 35.69 -9.20 30.21
N ARG A 69 35.05 -9.89 29.28
CA ARG A 69 33.84 -10.63 29.57
C ARG A 69 34.13 -12.12 29.68
N SER A 70 35.24 -12.46 30.32
CA SER A 70 35.64 -13.86 30.50
C SER A 70 35.24 -14.36 31.87
N ALA A 71 34.98 -15.67 31.97
CA ALA A 71 34.49 -16.28 33.19
C ALA A 71 35.47 -16.18 34.35
N GLU A 72 36.75 -16.43 34.08
CA GLU A 72 37.76 -16.49 35.14
C GLU A 72 38.81 -15.41 34.99
N CYS A 73 39.13 -14.76 36.11
CA CYS A 73 40.16 -13.73 36.15
C CYS A 73 41.21 -14.06 37.20
N SER A 74 42.47 -14.11 36.75
CA SER A 74 43.58 -14.38 37.66
C SER A 74 44.83 -13.65 37.21
N ILE A 75 45.54 -13.07 38.19
CA ILE A 75 46.76 -12.33 37.92
C ILE A 75 48.00 -13.15 38.26
N HIS A 76 48.85 -13.34 37.26
CA HIS A 76 50.09 -14.08 37.45
C HIS A 76 51.22 -13.14 37.87
N LEU A 77 51.69 -13.31 39.10
CA LEU A 77 52.83 -12.53 39.56
C LEU A 77 54.01 -13.43 39.85
N GLU A 78 55.17 -13.04 39.34
CA GLU A 78 56.40 -13.78 39.55
C GLU A 78 57.28 -13.03 40.56
N VAL A 79 57.89 -13.80 41.45
CA VAL A 79 58.73 -13.28 42.51
C VAL A 79 60.16 -13.71 42.29
N ILE A 80 61.07 -12.74 42.17
CA ILE A 80 62.47 -13.03 41.93
C ILE A 80 63.33 -12.54 43.08
N VAL A 81 64.16 -13.43 43.61
CA VAL A 81 65.09 -13.11 44.68
C VAL A 81 66.51 -13.49 44.28
N ASP A 82 67.48 -12.67 44.66
CA ASP A 82 68.88 -12.89 44.26
C ASP A 82 69.76 -13.34 45.41
N ARG A 83 70.89 -13.97 45.05
CA ARG A 83 71.89 -14.44 46.01
C ARG A 83 71.34 -15.35 47.11
N PRO A 84 71.02 -16.62 46.77
CA PRO A 84 71.11 -17.17 45.41
C PRO A 84 69.83 -16.89 44.63
N LEU A 85 69.84 -17.16 43.33
CA LEU A 85 68.66 -16.89 42.51
C LEU A 85 67.54 -17.88 42.83
N GLN A 86 66.35 -17.34 43.07
CA GLN A 86 65.17 -18.15 43.36
C GLN A 86 63.92 -17.47 42.83
N VAL A 87 63.02 -18.25 42.24
CA VAL A 87 61.81 -17.71 41.64
C VAL A 87 60.56 -18.44 42.15
N PHE A 88 59.58 -17.66 42.60
CA PHE A 88 58.33 -18.21 43.12
C PHE A 88 57.14 -17.60 42.39
N HIS A 89 56.25 -18.45 41.89
CA HIS A 89 55.10 -17.95 41.12
C HIS A 89 53.80 -17.99 41.93
N VAL A 90 53.12 -16.85 41.99
CA VAL A 90 51.88 -16.73 42.76
C VAL A 90 50.74 -16.21 41.88
N GLU A 91 49.56 -16.82 42.02
CA GLU A 91 48.39 -16.44 41.25
C GLU A 91 47.31 -15.82 42.13
N VAL A 92 46.82 -14.65 41.75
CA VAL A 92 45.79 -13.96 42.54
C VAL A 92 44.49 -13.84 41.77
N GLU A 93 43.47 -14.59 42.18
CA GLU A 93 42.19 -14.59 41.48
C GLU A 93 41.35 -13.39 41.87
N VAL A 94 40.83 -12.69 40.86
CA VAL A 94 40.01 -11.50 41.09
C VAL A 94 38.53 -11.84 41.12
N LYS A 95 37.87 -11.46 42.20
CA LYS A 95 36.43 -11.71 42.35
C LYS A 95 35.62 -10.56 41.76
N ASP A 96 34.58 -10.91 41.02
CA ASP A 96 33.73 -9.90 40.36
C ASP A 96 32.64 -9.38 41.29
N ILE A 97 32.51 -8.06 41.34
CA ILE A 97 31.44 -7.42 42.10
C ILE A 97 30.51 -6.70 41.11
N ASN A 98 29.21 -6.71 41.41
CA ASN A 98 28.23 -6.09 40.53
C ASN A 98 28.34 -4.58 40.54
N ASP A 99 29.34 -4.06 39.84
CA ASP A 99 29.57 -2.63 39.76
C ASP A 99 29.21 -2.07 38.38
N ASN A 100 28.83 -2.96 37.47
CA ASN A 100 28.43 -2.57 36.12
C ASN A 100 26.95 -2.85 35.86
N PRO A 101 26.16 -1.78 35.65
CA PRO A 101 24.72 -1.93 35.40
C PRO A 101 24.43 -2.39 33.98
N PRO A 102 23.27 -3.04 33.78
CA PRO A 102 22.79 -3.43 32.44
C PRO A 102 22.64 -2.21 31.54
N MET A 103 23.41 -2.13 30.46
CA MET A 103 23.35 -0.95 29.60
C MET A 103 22.80 -1.26 28.21
N PHE A 104 21.73 -0.56 27.83
CA PHE A 104 21.17 -0.68 26.49
C PHE A 104 21.98 0.18 25.52
N PRO A 105 22.02 -0.22 24.24
CA PRO A 105 22.71 0.54 23.20
C PRO A 105 22.23 1.99 23.09
N ALA A 106 20.96 2.22 23.43
CA ALA A 106 20.40 3.56 23.41
C ALA A 106 19.30 3.70 24.46
N THR A 107 19.25 4.86 25.12
CA THR A 107 18.21 5.13 26.11
C THR A 107 16.84 5.27 25.44
N GLN A 108 16.81 5.92 24.29
CA GLN A 108 15.58 6.13 23.55
C GLN A 108 15.67 5.51 22.15
N LYS A 109 14.71 4.68 21.81
CA LYS A 109 14.65 4.04 20.50
C LYS A 109 13.25 4.15 19.91
N ALA A 110 13.16 4.67 18.69
CA ALA A 110 11.86 4.88 18.05
C ALA A 110 11.62 3.86 16.94
N LEU A 111 10.47 3.21 16.98
CA LEU A 111 10.10 2.22 15.97
C LEU A 111 8.93 2.71 15.13
N PHE A 112 8.87 2.28 13.88
CA PHE A 112 7.80 2.68 12.98
C PHE A 112 7.05 1.45 12.50
N ILE A 113 5.79 1.31 12.94
CA ILE A 113 5.01 0.12 12.64
C ILE A 113 3.73 0.44 11.87
N LEU A 114 3.46 -0.34 10.84
CA LEU A 114 2.25 -0.17 10.02
C LEU A 114 0.99 -0.56 10.79
N GLU A 115 -0.12 0.10 10.45
CA GLU A 115 -1.41 -0.16 11.05
C GLU A 115 -1.94 -1.54 10.67
N SER A 116 -1.68 -1.93 9.43
CA SER A 116 -2.22 -3.17 8.87
C SER A 116 -1.49 -4.43 9.31
N ARG A 117 -0.54 -4.30 10.23
CA ARG A 117 0.25 -5.44 10.68
C ARG A 117 -0.60 -6.48 11.41
N LEU A 118 -0.53 -7.71 10.93
CA LEU A 118 -1.34 -8.80 11.48
C LEU A 118 -0.78 -9.28 12.81
N LEU A 119 -1.56 -10.07 13.53
CA LEU A 119 -1.14 -10.58 14.84
C LEU A 119 0.03 -11.55 14.71
N ASP A 120 0.62 -11.92 15.84
CA ASP A 120 1.74 -12.86 15.91
C ASP A 120 3.00 -12.37 15.18
N SER A 121 3.00 -11.11 14.77
CA SER A 121 4.17 -10.52 14.12
C SER A 121 5.11 -9.93 15.16
N ARG A 122 6.38 -10.31 15.11
CA ARG A 122 7.36 -9.86 16.09
C ARG A 122 8.32 -8.83 15.50
N PHE A 123 8.82 -7.94 16.34
CA PHE A 123 9.77 -6.92 15.92
C PHE A 123 11.08 -7.05 16.71
N PRO A 124 12.21 -7.06 16.01
CA PRO A 124 13.54 -7.26 16.61
C PRO A 124 14.02 -6.10 17.47
N LEU A 125 14.46 -6.42 18.69
CA LEU A 125 14.99 -5.44 19.62
C LEU A 125 16.31 -5.91 20.22
N GLU A 126 17.31 -5.03 20.21
CA GLU A 126 18.61 -5.34 20.77
C GLU A 126 18.57 -5.38 22.29
N GLY A 127 19.26 -6.36 22.87
CA GLY A 127 19.31 -6.51 24.31
C GLY A 127 20.33 -5.59 24.96
N ALA A 128 20.34 -5.56 26.28
CA ALA A 128 21.28 -4.73 27.02
C ALA A 128 22.63 -5.41 27.21
N SER A 129 23.69 -4.62 27.20
CA SER A 129 25.04 -5.13 27.39
C SER A 129 25.47 -5.04 28.85
N ASP A 130 26.31 -5.96 29.29
CA ASP A 130 26.80 -5.97 30.66
C ASP A 130 28.25 -6.42 30.73
N ALA A 131 29.07 -5.64 31.43
CA ALA A 131 30.49 -5.94 31.56
C ALA A 131 30.75 -6.90 32.70
N ASP A 132 29.75 -7.11 33.54
CA ASP A 132 29.87 -8.04 34.67
C ASP A 132 29.89 -9.49 34.20
N VAL A 133 30.47 -10.35 35.02
CA VAL A 133 30.58 -11.77 34.71
C VAL A 133 30.03 -12.63 35.85
N GLY A 134 29.21 -13.62 35.50
CA GLY A 134 28.66 -14.54 36.48
C GLY A 134 27.20 -14.29 36.79
N SER A 135 26.82 -14.50 38.06
CA SER A 135 25.45 -14.35 38.50
C SER A 135 24.94 -12.92 38.30
N ASN A 136 25.80 -11.95 38.53
CA ASN A 136 25.43 -10.54 38.41
C ASN A 136 25.39 -10.04 36.96
N ALA A 137 25.02 -10.93 36.05
CA ALA A 137 24.81 -10.55 34.66
C ALA A 137 23.33 -10.61 34.33
N LEU A 138 22.88 -9.77 33.40
CA LEU A 138 21.47 -9.67 33.04
C LEU A 138 20.91 -10.93 32.39
N LEU A 139 19.72 -11.34 32.86
CA LEU A 139 19.05 -12.50 32.31
C LEU A 139 17.54 -12.27 32.29
N THR A 140 17.08 -11.31 33.09
CA THR A 140 15.64 -11.07 33.24
C THR A 140 15.20 -9.74 32.63
N TYR A 141 14.26 -9.85 31.69
CA TYR A 141 13.67 -8.69 31.03
C TYR A 141 12.22 -8.49 31.44
N ARG A 142 11.85 -7.24 31.70
CA ARG A 142 10.49 -6.88 32.06
C ARG A 142 9.99 -5.75 31.17
N LEU A 143 8.90 -6.00 30.45
CA LEU A 143 8.30 -5.02 29.57
C LEU A 143 7.19 -4.25 30.29
N SER A 144 7.04 -2.97 29.94
CA SER A 144 5.97 -2.16 30.50
C SER A 144 4.63 -2.79 30.18
N THR A 145 3.68 -2.69 31.12
CA THR A 145 2.36 -3.28 30.94
C THR A 145 1.60 -2.62 29.81
N ASN A 146 1.44 -3.34 28.70
CA ASN A 146 0.75 -2.81 27.54
C ASN A 146 -0.32 -3.78 27.04
N GLU A 147 -1.42 -3.22 26.55
CA GLU A 147 -2.54 -4.02 26.06
C GLU A 147 -2.22 -4.68 24.73
N HIS A 148 -1.58 -3.94 23.84
CA HIS A 148 -1.37 -4.39 22.46
C HIS A 148 -0.15 -5.30 22.30
N PHE A 149 0.89 -5.07 23.11
CA PHE A 149 2.16 -5.76 22.90
C PHE A 149 2.58 -6.65 24.06
N SER A 150 3.35 -7.68 23.74
CA SER A 150 3.93 -8.58 24.73
C SER A 150 5.40 -8.85 24.40
N LEU A 151 6.19 -9.19 25.41
CA LEU A 151 7.63 -9.36 25.21
C LEU A 151 8.01 -10.82 25.01
N ASP A 152 9.05 -11.06 24.21
CA ASP A 152 9.52 -12.41 23.93
C ASP A 152 11.05 -12.48 23.95
N VAL A 153 11.58 -13.42 24.72
CA VAL A 153 13.02 -13.57 24.89
C VAL A 153 13.45 -15.03 24.74
N PRO A 154 14.48 -15.29 23.92
CA PRO A 154 15.01 -16.65 23.75
C PRO A 154 15.66 -17.16 25.04
N PRO A 155 15.36 -18.41 25.42
CA PRO A 155 15.77 -18.99 26.70
C PRO A 155 17.15 -19.66 26.72
N ASN A 156 17.67 -20.06 25.57
CA ASN A 156 18.95 -20.78 25.53
C ASN A 156 20.11 -19.99 26.11
N HIS A 157 20.26 -18.74 25.69
CA HIS A 157 21.33 -17.88 26.18
C HIS A 157 21.05 -16.43 25.76
N GLU A 158 21.78 -15.48 26.36
CA GLU A 158 21.62 -14.08 26.01
C GLU A 158 22.58 -13.71 24.87
N GLN A 159 22.21 -12.70 24.10
CA GLN A 159 23.02 -12.19 22.99
C GLN A 159 23.23 -13.22 21.89
N VAL A 160 22.30 -14.17 21.78
CA VAL A 160 22.32 -15.13 20.69
C VAL A 160 21.44 -14.59 19.56
N LYS A 161 20.34 -13.93 19.94
CA LYS A 161 19.41 -13.33 19.00
C LYS A 161 18.62 -12.24 19.72
N PRO A 162 18.34 -11.14 19.02
CA PRO A 162 17.62 -9.99 19.60
C PRO A 162 16.20 -10.36 20.05
N LEU A 163 15.82 -9.88 21.22
CA LEU A 163 14.51 -10.21 21.78
C LEU A 163 13.41 -9.49 21.02
N GLY A 164 12.26 -10.14 20.86
CA GLY A 164 11.20 -9.62 20.02
C GLY A 164 9.96 -9.08 20.71
N LEU A 165 9.34 -8.08 20.10
CA LEU A 165 8.06 -7.58 20.57
C LEU A 165 6.94 -8.16 19.72
N VAL A 166 6.05 -8.91 20.36
CA VAL A 166 4.96 -9.59 19.66
C VAL A 166 3.64 -8.85 19.82
N LEU A 167 2.94 -8.66 18.72
CA LEU A 167 1.65 -7.97 18.72
C LEU A 167 0.52 -8.89 19.17
N ARG A 168 -0.01 -8.64 20.36
CA ARG A 168 -1.09 -9.46 20.90
C ARG A 168 -2.44 -9.01 20.35
N LYS A 169 -2.70 -7.70 20.39
CA LYS A 169 -3.92 -7.14 19.85
C LYS A 169 -3.62 -6.13 18.75
N PRO A 170 -4.40 -6.18 17.65
CA PRO A 170 -4.17 -5.29 16.51
C PRO A 170 -4.24 -3.81 16.87
N LEU A 171 -3.42 -3.00 16.21
CA LEU A 171 -3.34 -1.58 16.51
C LEU A 171 -3.97 -0.76 15.38
N ASP A 172 -4.41 0.45 15.71
CA ASP A 172 -5.06 1.32 14.74
C ASP A 172 -4.60 2.76 14.91
N ARG A 173 -4.34 3.43 13.79
CA ARG A 173 -3.83 4.79 13.79
C ARG A 173 -4.84 5.79 14.34
N GLU A 174 -6.10 5.65 13.93
CA GLU A 174 -7.15 6.58 14.31
C GLU A 174 -7.40 6.58 15.81
N GLU A 175 -7.41 5.39 16.42
CA GLU A 175 -7.62 5.28 17.85
C GLU A 175 -6.39 5.69 18.65
N ALA A 176 -5.24 5.13 18.28
CA ALA A 176 -3.98 5.43 18.95
C ALA A 176 -2.88 5.80 17.97
N ALA A 177 -2.53 7.08 17.93
CA ALA A 177 -1.51 7.58 17.01
C ALA A 177 -0.10 7.18 17.47
N GLU A 178 0.16 7.27 18.77
CA GLU A 178 1.48 6.98 19.31
C GLU A 178 1.39 6.11 20.56
N ILE A 179 2.39 5.25 20.75
CA ILE A 179 2.46 4.40 21.93
C ILE A 179 3.83 4.51 22.59
N ARG A 180 3.84 4.77 23.90
CA ARG A 180 5.09 4.87 24.64
C ARG A 180 5.21 3.72 25.63
N LEU A 181 6.33 3.01 25.57
CA LEU A 181 6.60 1.90 26.48
C LEU A 181 8.00 2.02 27.08
N LEU A 182 8.24 1.30 28.16
CA LEU A 182 9.56 1.26 28.78
C LEU A 182 10.02 -0.18 29.02
N LEU A 183 11.25 -0.47 28.62
CA LEU A 183 11.80 -1.81 28.81
C LEU A 183 12.87 -1.81 29.89
N THR A 184 12.69 -2.67 30.88
CA THR A 184 13.61 -2.75 32.01
C THR A 184 14.34 -4.08 32.08
N ALA A 185 15.66 -4.03 32.02
CA ALA A 185 16.50 -5.20 32.11
C ALA A 185 17.17 -5.24 33.48
N THR A 186 16.95 -6.32 34.22
CA THR A 186 17.47 -6.43 35.58
C THR A 186 18.44 -7.61 35.70
N ASP A 187 19.60 -7.35 36.28
CA ASP A 187 20.60 -8.40 36.48
C ASP A 187 20.44 -9.02 37.88
N GLY A 188 20.91 -10.26 38.02
CA GLY A 188 20.79 -10.95 39.29
C GLY A 188 22.03 -10.82 40.17
N GLY A 189 22.22 -9.63 40.71
CA GLY A 189 23.35 -9.38 41.59
C GLY A 189 22.95 -8.55 42.78
N LYS A 190 23.81 -8.50 43.80
CA LYS A 190 23.53 -7.70 44.98
C LYS A 190 24.58 -6.62 45.20
N PRO A 191 24.15 -5.35 45.16
CA PRO A 191 22.76 -4.91 44.95
C PRO A 191 22.32 -5.01 43.48
N GLU A 192 21.02 -4.97 43.24
CA GLU A 192 20.49 -5.09 41.89
C GLU A 192 20.52 -3.76 41.14
N LEU A 193 21.10 -3.75 39.95
CA LEU A 193 21.12 -2.55 39.12
C LEU A 193 20.20 -2.78 37.92
N THR A 194 19.57 -1.72 37.44
CA THR A 194 18.60 -1.85 36.36
C THR A 194 19.02 -1.03 35.16
N GLY A 195 18.81 -1.55 33.95
CA GLY A 195 19.05 -0.77 32.74
C GLY A 195 17.74 -0.60 31.99
N THR A 196 17.46 0.59 31.47
CA THR A 196 16.16 0.84 30.85
C THR A 196 16.24 1.54 29.50
N VAL A 197 15.36 1.14 28.59
CA VAL A 197 15.25 1.78 27.29
C VAL A 197 13.80 2.16 26.98
N GLN A 198 13.58 3.44 26.71
CA GLN A 198 12.24 3.96 26.42
C GLN A 198 11.94 3.89 24.93
N LEU A 199 10.90 3.13 24.60
CA LEU A 199 10.48 2.96 23.22
C LEU A 199 9.30 3.85 22.87
N LEU A 200 9.47 4.67 21.85
CA LEU A 200 8.39 5.52 21.36
C LEU A 200 7.96 5.03 19.98
N ILE A 201 6.99 4.13 19.95
CA ILE A 201 6.55 3.55 18.67
C ILE A 201 5.39 4.35 18.09
N THR A 202 5.50 4.65 16.79
CA THR A 202 4.46 5.42 16.09
C THR A 202 3.67 4.54 15.12
N VAL A 203 2.36 4.74 15.09
CA VAL A 203 1.50 3.95 14.21
C VAL A 203 1.34 4.64 12.85
N LEU A 204 1.69 3.92 11.79
CA LEU A 204 1.62 4.47 10.44
C LEU A 204 0.24 4.27 9.82
N ASP A 205 -0.31 5.34 9.24
CA ASP A 205 -1.62 5.28 8.62
C ASP A 205 -1.62 4.42 7.36
N VAL A 206 -2.51 3.43 7.33
CA VAL A 206 -2.69 2.58 6.16
C VAL A 206 -4.09 2.78 5.59
N ASN A 207 -4.18 2.94 4.28
CA ASN A 207 -5.48 3.15 3.64
C ASN A 207 -6.39 1.94 3.77
N ASP A 208 -7.01 1.81 4.94
CA ASP A 208 -7.92 0.70 5.20
C ASP A 208 -9.34 1.21 5.45
N ASN A 209 -9.52 2.52 5.36
CA ASN A 209 -10.82 3.14 5.54
C ASN A 209 -11.39 3.64 4.22
N ALA A 210 -12.49 3.03 3.79
CA ALA A 210 -13.15 3.42 2.55
C ALA A 210 -13.95 4.71 2.70
N PRO A 211 -14.01 5.53 1.64
CA PRO A 211 -14.80 6.76 1.64
C PRO A 211 -16.30 6.47 1.74
N VAL A 212 -16.99 7.15 2.65
CA VAL A 212 -18.41 6.92 2.86
C VAL A 212 -19.21 8.22 2.76
N PHE A 213 -20.33 8.16 2.04
CA PHE A 213 -21.23 9.30 1.91
C PHE A 213 -22.17 9.37 3.10
N ASP A 214 -22.95 10.45 3.17
CA ASP A 214 -23.92 10.62 4.25
C ASP A 214 -25.01 9.56 4.16
N ARG A 215 -25.50 9.34 2.94
CA ARG A 215 -26.49 8.30 2.70
C ARG A 215 -26.35 7.78 1.26
N SER A 216 -26.75 6.53 1.04
CA SER A 216 -26.57 5.87 -0.25
C SER A 216 -27.28 6.57 -1.41
N LEU A 217 -28.43 7.20 -1.13
CA LEU A 217 -29.21 7.83 -2.18
C LEU A 217 -29.66 9.24 -1.79
N TYR A 218 -29.57 10.17 -2.74
CA TYR A 218 -30.02 11.54 -2.53
C TYR A 218 -31.06 11.91 -3.59
N THR A 219 -32.00 12.78 -3.24
CA THR A 219 -33.04 13.22 -4.16
C THR A 219 -33.01 14.73 -4.36
N VAL A 220 -32.88 15.15 -5.62
CA VAL A 220 -32.81 16.57 -5.97
C VAL A 220 -33.79 16.94 -7.07
N LYS A 221 -34.52 18.05 -6.87
CA LYS A 221 -35.44 18.55 -7.88
C LYS A 221 -34.75 19.55 -8.80
N LEU A 222 -35.02 19.46 -10.10
CA LEU A 222 -34.40 20.34 -11.08
C LEU A 222 -35.40 20.81 -12.14
N PRO A 223 -35.38 22.12 -12.44
CA PRO A 223 -36.25 22.71 -13.47
C PRO A 223 -35.95 22.17 -14.87
N GLU A 224 -36.79 22.51 -15.83
CA GLU A 224 -36.66 22.01 -17.19
C GLU A 224 -35.68 22.83 -18.02
N ASN A 225 -35.89 24.15 -18.06
CA ASN A 225 -35.10 25.02 -18.92
C ASN A 225 -33.94 25.68 -18.19
N VAL A 226 -33.19 24.89 -17.44
CA VAL A 226 -32.00 25.38 -16.75
C VAL A 226 -30.91 25.75 -17.75
N PRO A 227 -30.27 26.91 -17.57
CA PRO A 227 -29.24 27.38 -18.50
C PRO A 227 -27.97 26.52 -18.48
N ASN A 228 -27.08 26.78 -19.45
CA ASN A 228 -25.84 26.02 -19.59
C ASN A 228 -24.91 26.25 -18.39
N GLY A 229 -24.70 25.21 -17.59
CA GLY A 229 -23.81 25.29 -16.46
C GLY A 229 -24.52 25.59 -15.15
N THR A 230 -25.72 25.04 -14.99
CA THR A 230 -26.50 25.25 -13.77
C THR A 230 -26.17 24.19 -12.73
N LEU A 231 -25.94 24.62 -11.50
CA LEU A 231 -25.62 23.71 -10.40
C LEU A 231 -26.84 22.88 -10.00
N VAL A 232 -26.62 21.60 -9.76
CA VAL A 232 -27.68 20.71 -9.31
C VAL A 232 -27.55 20.44 -7.81
N ILE A 233 -26.45 19.81 -7.42
CA ILE A 233 -26.19 19.50 -6.02
C ILE A 233 -24.72 19.15 -5.80
N LYS A 234 -24.22 19.41 -4.60
CA LYS A 234 -22.84 19.05 -4.25
C LYS A 234 -22.82 17.86 -3.30
N VAL A 235 -22.02 16.86 -3.64
CA VAL A 235 -21.96 15.62 -2.89
C VAL A 235 -20.79 15.63 -1.90
N ASN A 236 -20.97 14.96 -0.77
CA ASN A 236 -19.96 14.93 0.28
C ASN A 236 -19.53 13.52 0.65
N ALA A 237 -18.22 13.28 0.61
CA ALA A 237 -17.67 11.98 0.98
C ALA A 237 -16.86 12.13 2.25
N SER A 238 -17.03 11.18 3.17
CA SER A 238 -16.32 11.21 4.44
C SER A 238 -15.23 10.14 4.46
N ASP A 239 -14.03 10.53 4.85
CA ASP A 239 -12.92 9.58 4.92
C ASP A 239 -12.18 9.72 6.25
N LEU A 240 -11.80 8.58 6.82
CA LEU A 240 -11.21 8.55 8.16
C LEU A 240 -9.70 8.32 8.13
N ASP A 241 -9.07 8.55 6.99
CA ASP A 241 -7.63 8.36 6.87
C ASP A 241 -6.86 9.67 6.93
N GLU A 242 -5.56 9.59 6.71
CA GLU A 242 -4.68 10.75 6.86
C GLU A 242 -4.00 11.16 5.55
N GLY A 243 -3.94 12.46 5.32
CA GLY A 243 -3.23 13.01 4.18
C GLY A 243 -3.80 12.60 2.84
N VAL A 244 -2.95 11.97 2.03
CA VAL A 244 -3.35 11.52 0.70
C VAL A 244 -4.41 10.43 0.76
N ASN A 245 -4.41 9.69 1.86
CA ASN A 245 -5.40 8.63 2.04
C ASN A 245 -6.72 9.19 2.57
N GLY A 246 -6.70 10.45 3.01
CA GLY A 246 -7.85 11.05 3.65
C GLY A 246 -8.70 11.90 2.72
N ASP A 247 -8.13 12.33 1.60
CA ASP A 247 -8.87 13.12 0.63
C ASP A 247 -9.27 12.26 -0.58
N VAL A 248 -10.44 12.55 -1.15
CA VAL A 248 -10.98 11.74 -2.22
C VAL A 248 -11.28 12.53 -3.49
N MET A 249 -11.26 11.83 -4.63
CA MET A 249 -11.65 12.40 -5.89
C MET A 249 -13.02 11.89 -6.29
N TYR A 250 -13.85 12.79 -6.82
CA TYR A 250 -15.21 12.43 -7.23
C TYR A 250 -15.28 12.17 -8.72
N SER A 251 -16.08 11.18 -9.11
CA SER A 251 -16.26 10.85 -10.52
C SER A 251 -17.56 10.12 -10.78
N PHE A 252 -17.93 9.99 -12.05
CA PHE A 252 -19.08 9.19 -12.43
C PHE A 252 -18.69 7.71 -12.46
N SER A 253 -19.67 6.83 -12.32
CA SER A 253 -19.41 5.41 -12.45
C SER A 253 -19.23 5.04 -13.93
N SER A 254 -18.60 3.91 -14.18
CA SER A 254 -18.33 3.48 -15.56
C SER A 254 -19.60 2.97 -16.25
N ASP A 255 -20.66 2.76 -15.45
CA ASP A 255 -21.89 2.17 -15.98
C ASP A 255 -22.92 3.23 -16.39
N VAL A 256 -22.52 4.49 -16.38
CA VAL A 256 -23.44 5.58 -16.75
C VAL A 256 -23.74 5.57 -18.25
N SER A 257 -24.95 5.97 -18.61
CA SER A 257 -25.34 6.06 -20.01
C SER A 257 -24.66 7.26 -20.67
N SER A 258 -24.56 7.21 -22.00
CA SER A 258 -23.93 8.29 -22.76
C SER A 258 -24.75 9.58 -22.68
N ASP A 259 -26.07 9.44 -22.68
CA ASP A 259 -26.97 10.58 -22.57
C ASP A 259 -26.80 11.24 -21.21
N ILE A 260 -26.65 10.43 -20.17
CA ILE A 260 -26.44 10.91 -18.81
C ILE A 260 -25.17 11.75 -18.73
N LYS A 261 -24.10 11.24 -19.35
CA LYS A 261 -22.83 11.95 -19.39
C LYS A 261 -22.94 13.21 -20.24
N SER A 262 -23.83 13.18 -21.22
CA SER A 262 -24.03 14.32 -22.10
C SER A 262 -24.76 15.46 -21.39
N LYS A 263 -25.72 15.10 -20.55
CA LYS A 263 -26.52 16.11 -19.85
C LYS A 263 -25.87 16.58 -18.55
N PHE A 264 -25.08 15.73 -17.93
CA PHE A 264 -24.49 16.04 -16.63
C PHE A 264 -22.96 15.96 -16.64
N HIS A 265 -22.33 16.81 -15.82
CA HIS A 265 -20.88 16.82 -15.66
C HIS A 265 -20.55 17.10 -14.20
N MET A 266 -19.41 16.60 -13.73
CA MET A 266 -18.99 16.81 -12.36
C MET A 266 -17.53 17.26 -12.22
N ASP A 267 -17.31 18.27 -11.38
CA ASP A 267 -15.96 18.67 -11.02
C ASP A 267 -15.37 17.63 -10.08
N THR A 268 -14.17 17.16 -10.40
CA THR A 268 -13.53 16.09 -9.63
C THR A 268 -13.24 16.49 -8.20
N VAL A 269 -12.75 17.71 -8.01
CA VAL A 269 -12.36 18.20 -6.69
C VAL A 269 -13.56 18.55 -5.83
N SER A 270 -14.45 19.39 -6.35
CA SER A 270 -15.60 19.87 -5.59
C SER A 270 -16.65 18.78 -5.40
N GLY A 271 -16.93 18.03 -6.44
CA GLY A 271 -17.97 17.01 -6.40
C GLY A 271 -19.34 17.60 -6.66
N GLU A 272 -19.36 18.70 -7.41
CA GLU A 272 -20.61 19.38 -7.74
C GLU A 272 -21.14 18.91 -9.08
N ILE A 273 -22.44 18.61 -9.14
CA ILE A 273 -23.06 18.16 -10.37
C ILE A 273 -23.69 19.34 -11.11
N THR A 274 -23.26 19.56 -12.34
CA THR A 274 -23.80 20.65 -13.15
C THR A 274 -24.33 20.14 -14.49
N VAL A 275 -25.36 20.80 -14.99
CA VAL A 275 -25.92 20.46 -16.29
C VAL A 275 -25.26 21.29 -17.39
N ILE A 276 -24.83 20.63 -18.47
CA ILE A 276 -24.16 21.33 -19.56
C ILE A 276 -24.95 21.16 -20.85
N GLY A 277 -26.09 20.48 -20.75
CA GLY A 277 -26.95 20.27 -21.91
C GLY A 277 -28.41 20.49 -21.56
N ILE A 278 -29.18 20.91 -22.55
CA ILE A 278 -30.61 21.15 -22.37
C ILE A 278 -31.37 19.85 -22.08
N ILE A 279 -32.04 19.83 -20.93
CA ILE A 279 -32.84 18.66 -20.55
C ILE A 279 -34.32 18.95 -20.77
N ASP A 280 -35.02 17.97 -21.36
CA ASP A 280 -36.44 18.13 -21.66
C ASP A 280 -37.27 17.03 -20.99
N PHE A 281 -38.42 17.41 -20.44
CA PHE A 281 -39.30 16.47 -19.77
C PHE A 281 -39.85 15.44 -20.75
N GLU A 282 -40.12 15.87 -21.97
CA GLU A 282 -40.63 14.98 -23.00
C GLU A 282 -39.54 14.02 -23.46
N GLU A 283 -38.29 14.47 -23.38
CA GLU A 283 -37.15 13.63 -23.72
C GLU A 283 -36.93 12.54 -22.67
N SER A 284 -36.83 12.96 -21.42
CA SER A 284 -36.66 12.04 -20.30
C SER A 284 -37.29 12.61 -19.03
N LYS A 285 -38.06 11.78 -18.34
CA LYS A 285 -38.79 12.24 -17.16
C LYS A 285 -37.91 12.39 -15.92
N ALA A 286 -36.99 11.44 -15.72
CA ALA A 286 -36.10 11.47 -14.56
C ALA A 286 -34.76 10.81 -14.86
N TYR A 287 -33.73 11.16 -14.11
CA TYR A 287 -32.41 10.57 -14.32
C TYR A 287 -31.83 9.97 -13.04
N LYS A 288 -31.32 8.75 -13.16
CA LYS A 288 -30.65 8.06 -12.05
C LYS A 288 -29.16 7.93 -12.35
N ILE A 289 -28.33 8.57 -11.56
CA ILE A 289 -26.90 8.64 -11.85
C ILE A 289 -26.04 8.02 -10.75
N PRO A 290 -25.31 6.94 -11.09
CA PRO A 290 -24.36 6.32 -10.16
C PRO A 290 -23.05 7.09 -10.08
N LEU A 291 -22.55 7.29 -8.86
CA LEU A 291 -21.32 8.06 -8.65
C LEU A 291 -20.28 7.26 -7.85
N GLU A 292 -19.02 7.38 -8.26
CA GLU A 292 -17.93 6.69 -7.59
C GLU A 292 -16.83 7.67 -7.18
N ALA A 293 -16.32 7.51 -5.97
CA ALA A 293 -15.26 8.37 -5.46
C ALA A 293 -14.08 7.55 -4.95
N ARG A 294 -12.87 7.91 -5.37
CA ARG A 294 -11.69 7.15 -4.99
C ARG A 294 -10.60 8.03 -4.39
N ASP A 295 -9.95 7.53 -3.34
CA ASP A 295 -8.90 8.26 -2.67
C ASP A 295 -7.56 8.12 -3.38
N LYS A 296 -6.51 8.71 -2.82
CA LYS A 296 -5.21 8.76 -3.48
C LYS A 296 -4.28 7.64 -3.05
N GLY A 297 -4.69 6.87 -2.03
CA GLY A 297 -3.88 5.78 -1.53
C GLY A 297 -3.60 4.71 -2.57
N PHE A 298 -2.48 4.01 -2.40
CA PHE A 298 -2.11 2.96 -3.36
C PHE A 298 -3.10 1.80 -3.27
N PRO A 299 -3.44 1.33 -2.06
CA PRO A 299 -4.62 0.46 -2.02
C PRO A 299 -5.88 1.31 -1.90
N GLN A 300 -6.35 1.86 -3.02
CA GLN A 300 -7.45 2.81 -2.99
C GLN A 300 -8.80 2.12 -2.91
N LEU A 301 -9.65 2.64 -2.03
CA LEU A 301 -11.00 2.11 -1.87
C LEU A 301 -12.02 3.06 -2.48
N PRO A 302 -13.05 2.50 -3.13
CA PRO A 302 -14.10 3.30 -3.76
C PRO A 302 -15.31 3.53 -2.86
N GLY A 303 -16.05 4.60 -3.14
CA GLY A 303 -17.29 4.89 -2.45
C GLY A 303 -18.38 5.19 -3.46
N HIS A 304 -19.54 4.55 -3.32
CA HIS A 304 -20.59 4.67 -4.32
C HIS A 304 -21.84 5.36 -3.78
N CYS A 305 -22.41 6.26 -4.57
CA CYS A 305 -23.65 6.94 -4.19
C CYS A 305 -24.45 7.35 -5.42
N THR A 306 -25.76 7.12 -5.37
CA THR A 306 -26.61 7.38 -6.53
C THR A 306 -27.52 8.60 -6.34
N ILE A 307 -27.47 9.51 -7.31
CA ILE A 307 -28.29 10.70 -7.30
C ILE A 307 -29.50 10.53 -8.20
N LEU A 308 -30.69 10.79 -7.66
CA LEU A 308 -31.93 10.71 -8.44
C LEU A 308 -32.50 12.10 -8.67
N VAL A 309 -32.43 12.57 -9.91
CA VAL A 309 -32.94 13.90 -10.25
C VAL A 309 -34.27 13.82 -11.02
N GLU A 310 -35.21 14.65 -10.62
CA GLU A 310 -36.53 14.70 -11.21
C GLU A 310 -36.71 15.95 -12.09
N VAL A 311 -37.23 15.76 -13.29
CA VAL A 311 -37.47 16.87 -14.20
C VAL A 311 -38.91 17.38 -14.09
N VAL A 312 -39.06 18.69 -13.93
CA VAL A 312 -40.37 19.30 -13.80
C VAL A 312 -40.89 19.81 -15.15
N ASP A 313 -42.12 19.47 -15.48
CA ASP A 313 -42.73 19.89 -16.74
C ASP A 313 -43.02 21.39 -16.72
N ALA A 314 -42.28 22.15 -17.53
CA ALA A 314 -42.53 23.57 -17.67
C ALA A 314 -43.31 23.85 -18.95
N ASN A 315 -44.25 24.79 -18.88
CA ASN A 315 -45.06 25.14 -20.05
C ASN A 315 -44.25 25.84 -21.14
N ASP A 316 -43.66 25.05 -22.02
CA ASP A 316 -42.84 25.60 -23.09
C ASP A 316 -43.34 25.13 -24.46
N ASN A 317 -44.51 24.51 -24.47
CA ASN A 317 -45.12 24.04 -25.71
C ASN A 317 -46.58 24.42 -25.81
N ALA A 318 -46.95 25.08 -26.90
CA ALA A 318 -48.33 25.47 -27.14
C ALA A 318 -49.15 24.26 -27.55
N PRO A 319 -50.42 24.19 -27.09
CA PRO A 319 -51.30 23.08 -27.42
C PRO A 319 -51.53 22.95 -28.92
N GLN A 320 -50.87 21.99 -29.55
CA GLN A 320 -51.01 21.80 -30.98
C GLN A 320 -52.39 21.22 -31.30
N LEU A 321 -53.18 21.98 -32.05
CA LEU A 321 -54.51 21.54 -32.44
C LEU A 321 -54.65 21.47 -33.96
N THR A 322 -55.50 20.55 -34.41
CA THR A 322 -55.78 20.40 -35.83
C THR A 322 -57.28 20.43 -36.08
N VAL A 323 -57.68 21.17 -37.12
CA VAL A 323 -59.08 21.23 -37.51
C VAL A 323 -59.41 20.06 -38.44
N SER A 324 -60.42 19.28 -38.06
CA SER A 324 -60.77 18.08 -38.81
C SER A 324 -62.23 18.09 -39.24
N SER A 325 -62.51 17.33 -40.30
CA SER A 325 -63.84 17.24 -40.90
C SER A 325 -64.31 18.60 -41.39
N LEU A 326 -63.59 19.15 -42.36
CA LEU A 326 -63.96 20.42 -42.97
C LEU A 326 -65.23 20.29 -43.78
N SER A 327 -66.28 21.00 -43.35
CA SER A 327 -67.56 20.96 -44.05
C SER A 327 -67.89 22.31 -44.65
N LEU A 328 -67.81 22.41 -45.97
CA LEU A 328 -68.10 23.66 -46.67
C LEU A 328 -69.59 24.02 -46.62
N PRO A 329 -70.50 23.09 -46.98
CA PRO A 329 -71.89 23.53 -47.02
C PRO A 329 -72.59 23.38 -45.66
N VAL A 330 -73.44 24.34 -45.33
CA VAL A 330 -74.30 24.24 -44.16
C VAL A 330 -75.70 24.72 -44.51
N SER A 331 -76.66 23.79 -44.53
CA SER A 331 -78.01 24.11 -44.97
C SER A 331 -78.72 25.06 -43.99
N GLU A 332 -79.62 25.87 -44.53
CA GLU A 332 -80.39 26.82 -43.74
C GLU A 332 -81.39 26.11 -42.84
N ASP A 333 -81.96 25.02 -43.36
CA ASP A 333 -83.00 24.28 -42.65
C ASP A 333 -82.43 23.38 -41.56
N SER A 334 -81.12 23.45 -41.34
CA SER A 334 -80.46 22.63 -40.33
C SER A 334 -81.04 22.91 -38.94
N GLN A 335 -81.56 21.88 -38.30
CA GLN A 335 -82.17 22.02 -36.98
C GLN A 335 -81.10 22.25 -35.90
N PRO A 336 -81.44 23.05 -34.88
CA PRO A 336 -80.56 23.34 -33.75
C PRO A 336 -80.11 22.07 -33.03
N GLY A 337 -78.86 22.05 -32.58
CA GLY A 337 -78.33 20.89 -31.88
C GLY A 337 -77.43 20.09 -32.80
N ARG A 338 -77.19 20.62 -34.00
CA ARG A 338 -76.49 19.85 -35.04
C ARG A 338 -75.05 20.28 -35.23
N VAL A 339 -74.13 19.31 -35.11
CA VAL A 339 -72.70 19.61 -35.14
C VAL A 339 -72.26 20.03 -36.54
N VAL A 340 -71.19 20.82 -36.61
CA VAL A 340 -70.71 21.35 -37.88
C VAL A 340 -69.33 20.79 -38.27
N THR A 341 -68.33 21.06 -37.45
CA THR A 341 -66.96 20.61 -37.73
C THR A 341 -66.34 19.98 -36.50
N LEU A 342 -65.18 19.34 -36.69
CA LEU A 342 -64.49 18.69 -35.58
C LEU A 342 -63.16 19.38 -35.27
N ILE A 343 -62.79 19.36 -34.00
CA ILE A 343 -61.52 19.95 -33.58
C ILE A 343 -60.76 18.96 -32.71
N SER A 344 -59.49 18.76 -33.01
CA SER A 344 -58.66 17.85 -32.23
C SER A 344 -57.53 18.59 -31.53
N VAL A 345 -57.56 18.61 -30.20
CA VAL A 345 -56.58 19.34 -29.43
C VAL A 345 -55.64 18.39 -28.69
N PHE A 346 -54.34 18.57 -28.90
CA PHE A 346 -53.33 17.77 -28.23
C PHE A 346 -52.28 18.68 -27.61
N ASP A 347 -51.65 18.22 -26.52
CA ASP A 347 -50.63 19.01 -25.85
C ASP A 347 -49.40 18.18 -25.51
N ARG A 348 -48.23 18.70 -25.85
CA ARG A 348 -46.98 18.02 -25.58
C ARG A 348 -46.69 18.03 -24.08
N ASP A 349 -47.06 19.13 -23.42
CA ASP A 349 -46.87 19.28 -21.98
C ASP A 349 -47.77 18.35 -21.18
N SER A 350 -47.42 18.16 -19.91
CA SER A 350 -48.19 17.29 -19.03
C SER A 350 -48.43 17.96 -17.67
N GLY A 351 -49.57 17.65 -17.05
CA GLY A 351 -49.90 18.21 -15.76
C GLY A 351 -50.85 19.39 -15.85
N ALA A 352 -50.61 20.41 -15.02
CA ALA A 352 -51.45 21.59 -14.99
C ALA A 352 -51.41 22.33 -16.32
N ASN A 353 -50.24 22.36 -16.93
CA ASN A 353 -50.08 22.95 -18.25
C ASN A 353 -50.28 21.93 -19.36
N GLY A 354 -50.86 20.79 -19.00
CA GLY A 354 -51.21 19.76 -19.96
C GLY A 354 -52.67 19.86 -20.33
N GLN A 355 -53.48 20.29 -19.37
CA GLN A 355 -54.91 20.47 -19.58
C GLN A 355 -55.17 21.72 -20.42
N VAL A 356 -56.17 21.64 -21.29
CA VAL A 356 -56.48 22.74 -22.20
C VAL A 356 -57.93 23.18 -22.04
N THR A 357 -58.18 24.48 -22.14
CA THR A 357 -59.54 25.01 -22.06
C THR A 357 -59.91 25.74 -23.35
N CYS A 358 -60.87 25.19 -24.08
CA CYS A 358 -61.28 25.75 -25.36
C CYS A 358 -62.50 26.66 -25.22
N SER A 359 -62.62 27.61 -26.15
CA SER A 359 -63.75 28.53 -26.17
C SER A 359 -63.93 29.15 -27.55
N LEU A 360 -65.04 29.82 -27.76
CA LEU A 360 -65.32 30.47 -29.04
C LEU A 360 -65.87 31.88 -28.84
N THR A 361 -66.29 32.51 -29.93
CA THR A 361 -66.86 33.86 -29.88
C THR A 361 -68.16 33.88 -29.08
N PRO A 362 -68.21 34.74 -28.04
CA PRO A 362 -69.41 34.85 -27.19
C PRO A 362 -70.61 35.39 -27.95
N HIS A 363 -70.37 36.32 -28.86
CA HIS A 363 -71.44 36.89 -29.67
C HIS A 363 -71.71 36.01 -30.89
N ILE A 364 -72.07 34.76 -30.64
CA ILE A 364 -72.28 33.79 -31.71
C ILE A 364 -73.27 32.71 -31.31
N PRO A 365 -74.18 32.35 -32.23
CA PRO A 365 -75.20 31.32 -31.98
C PRO A 365 -74.60 29.94 -31.77
N PHE A 366 -73.38 29.74 -32.29
CA PHE A 366 -72.69 28.47 -32.17
C PHE A 366 -72.24 28.21 -30.74
N LYS A 367 -72.21 26.94 -30.35
CA LYS A 367 -71.74 26.54 -29.03
C LYS A 367 -70.76 25.39 -29.13
N LEU A 368 -69.80 25.34 -28.21
CA LEU A 368 -68.80 24.28 -28.24
C LEU A 368 -69.03 23.32 -27.07
N VAL A 369 -69.02 22.02 -27.37
CA VAL A 369 -69.26 21.02 -26.34
C VAL A 369 -68.42 19.77 -26.57
N SER A 370 -67.89 19.20 -25.49
CA SER A 370 -67.09 17.99 -25.57
C SER A 370 -67.89 16.79 -25.05
N THR A 371 -67.72 15.64 -25.69
CA THR A 371 -68.40 14.42 -25.25
C THR A 371 -67.43 13.49 -24.53
N PHE A 372 -66.20 13.41 -25.01
CA PHE A 372 -65.22 12.49 -24.43
C PHE A 372 -63.83 13.12 -24.32
N LYS A 373 -63.27 13.05 -23.12
CA LYS A 373 -61.90 13.49 -22.83
C LYS A 373 -61.64 14.92 -23.30
N ASN A 374 -60.54 15.09 -24.04
CA ASN A 374 -60.18 16.38 -24.58
C ASN A 374 -60.58 16.51 -26.05
N TYR A 375 -61.55 15.68 -26.47
CA TYR A 375 -62.09 15.79 -27.82
C TYR A 375 -63.32 16.70 -27.83
N TYR A 376 -63.26 17.75 -28.62
CA TYR A 376 -64.34 18.74 -28.65
C TYR A 376 -65.05 18.76 -30.00
N SER A 377 -66.35 19.02 -29.96
CA SER A 377 -67.15 19.12 -31.18
C SER A 377 -67.93 20.42 -31.21
N LEU A 378 -67.83 21.15 -32.32
CA LEU A 378 -68.52 22.43 -32.45
C LEU A 378 -69.94 22.21 -32.91
N VAL A 379 -70.91 22.44 -32.02
CA VAL A 379 -72.29 22.17 -32.33
C VAL A 379 -73.09 23.44 -32.60
N LEU A 380 -73.97 23.40 -33.58
CA LEU A 380 -74.83 24.52 -33.91
C LEU A 380 -76.14 24.46 -33.14
N ASP A 381 -76.50 25.59 -32.55
CA ASP A 381 -77.72 25.75 -31.78
C ASP A 381 -78.46 26.98 -32.31
N SER A 382 -79.78 26.99 -32.15
CA SER A 382 -80.64 28.09 -32.61
C SER A 382 -80.69 28.16 -34.14
N ALA A 383 -81.59 28.99 -34.66
CA ALA A 383 -81.80 29.07 -36.11
C ALA A 383 -80.79 29.96 -36.81
N LEU A 384 -80.70 29.79 -38.12
CA LEU A 384 -79.79 30.56 -38.97
C LEU A 384 -80.47 30.87 -40.30
N ASP A 385 -80.11 32.01 -40.90
CA ASP A 385 -80.68 32.40 -42.18
C ASP A 385 -79.63 32.89 -43.16
N ARG A 386 -79.68 32.40 -44.40
CA ARG A 386 -78.71 32.72 -45.43
C ARG A 386 -78.69 34.21 -45.80
N GLU A 387 -79.87 34.77 -46.02
CA GLU A 387 -80.00 36.16 -46.44
C GLU A 387 -79.66 37.12 -45.30
N THR A 388 -80.08 36.76 -44.09
CA THR A 388 -79.81 37.56 -42.90
C THR A 388 -78.33 37.50 -42.53
N ILE A 389 -77.75 36.30 -42.58
CA ILE A 389 -76.32 36.12 -42.31
C ILE A 389 -75.70 35.26 -43.41
N ALA A 390 -74.67 35.79 -44.06
CA ALA A 390 -74.12 35.18 -45.26
C ALA A 390 -73.10 34.09 -44.95
N ASN A 391 -72.09 34.41 -44.15
CA ASN A 391 -71.05 33.45 -43.83
C ASN A 391 -70.48 33.63 -42.43
N TYR A 392 -70.05 32.54 -41.82
CA TYR A 392 -69.46 32.59 -40.49
C TYR A 392 -67.97 32.23 -40.52
N ASP A 393 -67.18 32.99 -39.78
CA ASP A 393 -65.76 32.66 -39.59
C ASP A 393 -65.48 32.40 -38.12
N VAL A 394 -65.72 31.16 -37.68
CA VAL A 394 -65.60 30.83 -36.27
C VAL A 394 -64.14 30.79 -35.83
N ILE A 395 -63.82 31.57 -34.81
CA ILE A 395 -62.49 31.58 -34.23
C ILE A 395 -62.47 30.85 -32.89
N VAL A 396 -61.70 29.78 -32.83
CA VAL A 396 -61.59 28.99 -31.60
C VAL A 396 -60.33 29.35 -30.84
N THR A 397 -60.50 29.76 -29.59
CA THR A 397 -59.36 30.09 -28.74
C THR A 397 -59.12 28.99 -27.71
N ALA A 398 -57.88 28.50 -27.67
CA ALA A 398 -57.50 27.48 -26.72
C ALA A 398 -56.47 28.01 -25.72
N ARG A 399 -56.83 27.98 -24.45
CA ARG A 399 -55.98 28.48 -23.39
C ARG A 399 -55.30 27.33 -22.65
N ASP A 400 -53.98 27.41 -22.54
CA ASP A 400 -53.20 26.43 -21.79
C ASP A 400 -52.92 26.97 -20.39
N GLY A 401 -53.48 26.31 -19.39
CA GLY A 401 -53.35 26.75 -18.01
C GLY A 401 -51.93 26.70 -17.46
N GLY A 402 -51.77 27.15 -16.23
CA GLY A 402 -50.47 27.21 -15.59
C GLY A 402 -49.87 28.60 -15.69
N SER A 403 -48.76 28.81 -14.99
CA SER A 403 -48.07 30.10 -15.01
C SER A 403 -46.67 29.96 -15.60
N PRO A 404 -46.42 30.63 -16.74
CA PRO A 404 -47.40 31.45 -17.46
C PRO A 404 -48.32 30.63 -18.37
N SER A 405 -49.47 31.18 -18.70
CA SER A 405 -50.45 30.51 -19.55
C SER A 405 -50.10 30.66 -21.03
N LEU A 406 -50.39 29.62 -21.82
CA LEU A 406 -50.11 29.66 -23.25
C LEU A 406 -51.39 29.86 -24.05
N TRP A 407 -51.23 30.22 -25.33
CA TRP A 407 -52.38 30.50 -26.19
C TRP A 407 -52.27 29.83 -27.55
N ALA A 408 -53.40 29.33 -28.07
CA ALA A 408 -53.44 28.77 -29.41
C ALA A 408 -54.78 29.05 -30.10
N THR A 409 -54.76 29.84 -31.16
CA THR A 409 -56.00 30.23 -31.83
C THR A 409 -56.15 29.54 -33.18
N ALA A 410 -57.39 29.41 -33.63
CA ALA A 410 -57.66 28.77 -34.92
C ALA A 410 -58.82 29.45 -35.65
N SER A 411 -58.61 29.74 -36.94
CA SER A 411 -59.64 30.37 -37.75
C SER A 411 -60.28 29.36 -38.71
N VAL A 412 -61.60 29.18 -38.58
CA VAL A 412 -62.32 28.24 -39.44
C VAL A 412 -63.40 28.97 -40.24
N SER A 413 -63.36 28.80 -41.56
CA SER A 413 -64.33 29.47 -42.43
C SER A 413 -65.44 28.52 -42.88
N VAL A 414 -66.67 28.84 -42.48
CA VAL A 414 -67.83 28.06 -42.86
C VAL A 414 -68.90 28.93 -43.51
N GLU A 415 -69.39 28.50 -44.67
CA GLU A 415 -70.42 29.25 -45.38
C GLU A 415 -71.70 28.43 -45.48
N VAL A 416 -72.84 29.12 -45.44
CA VAL A 416 -74.13 28.46 -45.54
C VAL A 416 -74.67 28.49 -46.97
N ALA A 417 -75.24 27.38 -47.41
CA ALA A 417 -75.76 27.26 -48.76
C ALA A 417 -77.16 27.83 -48.88
N ASP A 418 -77.44 28.46 -50.02
CA ASP A 418 -78.73 29.09 -50.25
C ASP A 418 -79.83 28.07 -50.55
N VAL A 419 -80.97 28.22 -49.89
CA VAL A 419 -82.12 27.36 -50.11
C VAL A 419 -83.35 28.20 -50.45
N ASN A 420 -84.02 27.85 -51.55
CA ASN A 420 -85.18 28.61 -52.03
C ASN A 420 -86.34 28.63 -51.04
N ASP A 421 -86.42 29.70 -50.26
CA ASP A 421 -87.49 29.86 -49.28
C ASP A 421 -88.16 31.22 -49.42
N ASN A 422 -87.78 31.97 -50.44
CA ASN A 422 -88.37 33.28 -50.72
C ASN A 422 -89.12 33.30 -52.04
N ALA A 423 -89.92 34.34 -52.24
CA ALA A 423 -90.72 34.48 -53.45
C ALA A 423 -90.39 35.77 -54.20
N PRO A 424 -90.41 35.71 -55.54
CA PRO A 424 -90.15 36.88 -56.39
C PRO A 424 -91.21 37.96 -56.21
N LEU A 425 -90.77 39.17 -55.86
CA LEU A 425 -91.70 40.26 -55.61
C LEU A 425 -91.48 41.42 -56.57
N PHE A 426 -92.57 41.85 -57.22
CA PHE A 426 -92.54 43.03 -58.08
C PHE A 426 -92.44 44.29 -57.22
N ALA A 427 -92.22 45.42 -57.88
CA ALA A 427 -92.11 46.71 -57.18
C ALA A 427 -93.40 47.01 -56.42
N GLN A 428 -94.52 47.05 -57.14
CA GLN A 428 -95.82 47.28 -56.52
C GLN A 428 -96.96 46.94 -57.47
N PRO A 429 -97.91 46.11 -57.01
CA PRO A 429 -99.15 45.85 -57.76
C PRO A 429 -100.19 46.95 -57.53
N GLU A 430 -100.94 47.31 -58.56
CA GLU A 430 -100.85 46.68 -59.87
C GLU A 430 -100.29 47.66 -60.90
N TYR A 431 -100.08 47.18 -62.12
CA TYR A 431 -99.54 48.03 -63.18
C TYR A 431 -100.55 48.22 -64.31
N THR A 432 -100.65 49.45 -64.80
CA THR A 432 -101.60 49.79 -65.86
C THR A 432 -100.94 50.62 -66.96
N VAL A 433 -101.24 50.26 -68.20
CA VAL A 433 -100.68 50.95 -69.37
C VAL A 433 -101.72 51.26 -70.44
N PHE A 434 -101.41 52.28 -71.23
CA PHE A 434 -102.25 52.69 -72.35
C PHE A 434 -101.45 52.60 -73.64
N VAL A 435 -101.90 51.73 -74.54
CA VAL A 435 -101.17 51.46 -75.78
C VAL A 435 -101.58 52.44 -76.87
N LYS A 436 -100.61 52.79 -77.72
CA LYS A 436 -100.85 53.69 -78.84
C LYS A 436 -102.06 53.30 -79.66
N GLU A 437 -102.83 54.30 -80.09
CA GLU A 437 -104.03 54.08 -80.90
C GLU A 437 -103.70 53.33 -82.19
N ASN A 438 -102.85 53.91 -83.02
CA ASN A 438 -102.40 53.23 -84.24
C ASN A 438 -101.18 52.36 -83.96
N ASN A 439 -101.40 51.23 -83.30
CA ASN A 439 -100.31 50.35 -82.90
C ASN A 439 -99.88 49.38 -84.00
N PRO A 440 -98.58 49.39 -84.34
CA PRO A 440 -98.00 48.49 -85.33
C PRO A 440 -97.74 47.10 -84.75
N PRO A 441 -97.71 46.06 -85.60
CA PRO A 441 -97.47 44.70 -85.12
C PRO A 441 -96.02 44.48 -84.69
N GLY A 442 -95.80 43.74 -83.60
CA GLY A 442 -94.46 43.45 -83.14
C GLY A 442 -93.77 44.64 -82.51
N ALA A 443 -94.53 45.42 -81.74
CA ALA A 443 -93.98 46.63 -81.11
C ALA A 443 -93.82 46.47 -79.59
N HIS A 444 -92.66 46.89 -79.08
CA HIS A 444 -92.38 46.83 -77.66
C HIS A 444 -93.23 47.83 -76.90
N ILE A 445 -93.92 47.36 -75.86
CA ILE A 445 -94.80 48.23 -75.09
C ILE A 445 -94.27 48.58 -73.70
N PHE A 446 -93.71 47.59 -73.00
CA PHE A 446 -93.23 47.81 -71.64
C PHE A 446 -92.22 46.74 -71.20
N THR A 447 -91.42 47.08 -70.19
CA THR A 447 -90.46 46.13 -69.63
C THR A 447 -90.68 45.95 -68.13
N VAL A 448 -91.32 44.84 -67.77
CA VAL A 448 -91.61 44.55 -66.36
C VAL A 448 -90.37 44.15 -65.59
N SER A 449 -90.39 44.37 -64.27
CA SER A 449 -89.25 44.06 -63.43
C SER A 449 -89.67 43.31 -62.16
N ALA A 450 -88.83 42.37 -61.74
CA ALA A 450 -89.07 41.61 -60.52
C ALA A 450 -87.76 41.32 -59.80
N MET A 451 -87.83 41.20 -58.48
CA MET A 451 -86.62 40.98 -57.68
C MET A 451 -86.86 39.94 -56.58
N ASP A 452 -85.79 39.25 -56.19
CA ASP A 452 -85.86 38.24 -55.16
C ASP A 452 -84.78 38.48 -54.10
N ALA A 453 -84.85 37.75 -53.00
CA ALA A 453 -83.89 37.91 -51.92
C ALA A 453 -82.86 36.79 -51.89
N ASP A 454 -83.22 35.66 -52.50
CA ASP A 454 -82.33 34.50 -52.55
C ASP A 454 -81.16 34.72 -53.52
N ALA A 455 -80.47 33.63 -53.84
CA ALA A 455 -79.32 33.70 -54.74
C ALA A 455 -79.35 32.61 -55.82
N GLN A 456 -78.58 32.83 -56.88
CA GLN A 456 -78.45 31.88 -57.98
C GLN A 456 -79.79 31.57 -58.66
N GLU A 457 -80.05 30.28 -58.87
CA GLU A 457 -81.24 29.85 -59.59
C GLU A 457 -82.52 30.26 -58.87
N ASN A 458 -82.43 30.40 -57.56
CA ASN A 458 -83.57 30.83 -56.75
C ASN A 458 -83.90 32.30 -56.96
N ALA A 459 -82.91 33.07 -57.39
CA ALA A 459 -83.09 34.50 -57.62
C ALA A 459 -83.38 34.79 -59.09
N LEU A 460 -83.41 33.74 -59.90
CA LEU A 460 -83.72 33.87 -61.32
C LEU A 460 -85.20 34.15 -61.54
N VAL A 461 -85.51 35.27 -62.19
CA VAL A 461 -86.89 35.65 -62.45
C VAL A 461 -87.33 35.22 -63.85
N SER A 462 -88.40 34.43 -63.91
CA SER A 462 -88.96 33.98 -65.17
C SER A 462 -90.40 34.46 -65.32
N TYR A 463 -90.65 35.26 -66.34
CA TYR A 463 -91.97 35.84 -66.55
C TYR A 463 -92.83 34.95 -67.45
N SER A 464 -94.07 34.72 -67.02
CA SER A 464 -95.02 33.92 -67.79
C SER A 464 -96.40 34.53 -67.70
N LEU A 465 -97.35 33.97 -68.44
CA LEU A 465 -98.70 34.51 -68.47
C LEU A 465 -99.74 33.49 -68.03
N VAL A 466 -100.88 33.98 -67.56
CA VAL A 466 -102.01 33.14 -67.19
C VAL A 466 -102.99 33.10 -68.35
N GLU A 467 -103.90 32.12 -68.32
CA GLU A 467 -104.85 31.96 -69.41
C GLU A 467 -105.91 33.06 -69.35
N ARG A 468 -106.52 33.23 -68.18
CA ARG A 468 -107.53 34.27 -67.93
C ARG A 468 -108.80 34.07 -68.76
N ARG A 469 -109.89 34.68 -68.30
CA ARG A 469 -111.17 34.52 -68.98
C ARG A 469 -111.18 35.15 -70.37
N VAL A 470 -110.50 36.29 -70.50
CA VAL A 470 -110.39 36.95 -71.81
C VAL A 470 -109.56 36.10 -72.76
N GLY A 471 -108.53 35.45 -72.22
CA GLY A 471 -107.71 34.53 -72.98
C GLY A 471 -108.44 33.26 -73.36
N GLU A 472 -109.26 32.76 -72.44
CA GLU A 472 -110.08 31.58 -72.70
C GLU A 472 -111.18 31.88 -73.72
N ARG A 473 -111.61 33.14 -73.76
CA ARG A 473 -112.60 33.59 -74.73
C ARG A 473 -112.12 33.44 -76.17
N LEU A 474 -110.79 33.32 -76.31
CA LEU A 474 -110.11 32.96 -77.57
C LEU A 474 -109.94 34.17 -78.48
N LEU A 475 -110.13 35.37 -77.92
CA LEU A 475 -109.88 36.58 -78.68
C LEU A 475 -108.40 36.61 -79.00
N SER A 476 -107.58 36.34 -77.98
CA SER A 476 -106.13 36.25 -78.11
C SER A 476 -105.49 35.90 -76.78
N SER A 477 -104.19 35.56 -76.83
CA SER A 477 -103.37 35.42 -75.64
C SER A 477 -102.83 36.77 -75.19
N TYR A 478 -103.41 37.84 -75.72
CA TYR A 478 -102.96 39.21 -75.45
C TYR A 478 -101.47 39.34 -75.74
N VAL A 479 -100.77 40.10 -74.91
CA VAL A 479 -99.35 40.34 -75.11
C VAL A 479 -98.54 39.05 -74.92
N SER A 480 -97.43 38.94 -75.64
CA SER A 480 -96.53 37.81 -75.48
C SER A 480 -95.26 38.30 -74.80
N VAL A 481 -94.84 37.59 -73.75
CA VAL A 481 -93.72 38.02 -72.94
C VAL A 481 -92.50 37.13 -73.07
N HIS A 482 -91.33 37.73 -72.85
CA HIS A 482 -90.07 37.01 -72.82
C HIS A 482 -89.69 36.73 -71.38
N ALA A 483 -89.60 35.44 -71.04
CA ALA A 483 -89.37 35.02 -69.66
C ALA A 483 -88.06 35.56 -69.10
N GLU A 484 -87.09 35.77 -69.97
CA GLU A 484 -85.77 36.24 -69.54
C GLU A 484 -85.77 37.73 -69.20
N SER A 485 -86.56 38.51 -69.94
CA SER A 485 -86.58 39.96 -69.76
C SER A 485 -87.87 40.46 -69.13
N GLY A 486 -89.01 39.96 -69.61
CA GLY A 486 -90.30 40.40 -69.12
C GLY A 486 -90.94 41.47 -69.99
N LYS A 487 -90.43 41.62 -71.21
CA LYS A 487 -90.96 42.60 -72.15
C LYS A 487 -92.30 42.17 -72.73
N VAL A 488 -93.21 43.13 -72.88
CA VAL A 488 -94.53 42.87 -73.44
C VAL A 488 -94.63 43.41 -74.87
N PHE A 489 -94.98 42.52 -75.81
CA PHE A 489 -95.05 42.88 -77.21
C PHE A 489 -96.49 42.96 -77.71
N ALA A 490 -96.80 44.02 -78.45
CA ALA A 490 -98.13 44.17 -79.02
C ALA A 490 -98.10 43.90 -80.53
N LEU A 491 -99.17 43.29 -81.03
CA LEU A 491 -99.25 42.90 -82.43
C LEU A 491 -100.57 43.29 -83.08
N GLN A 492 -101.26 44.26 -82.49
CA GLN A 492 -102.58 44.67 -82.99
C GLN A 492 -102.83 46.16 -82.79
N PRO A 493 -103.40 46.81 -83.82
CA PRO A 493 -103.82 48.21 -83.74
C PRO A 493 -104.95 48.42 -82.74
N LEU A 501 -110.64 47.14 -72.86
CA LEU A 501 -110.25 46.79 -71.51
C LEU A 501 -109.58 45.42 -71.45
N LEU A 502 -108.28 45.40 -71.19
CA LEU A 502 -107.53 44.16 -71.11
C LEU A 502 -106.92 43.98 -69.73
N GLN A 503 -107.28 42.90 -69.04
CA GLN A 503 -106.73 42.62 -67.72
C GLN A 503 -106.14 41.21 -67.66
N PHE A 504 -104.82 41.13 -67.49
CA PHE A 504 -104.15 39.84 -67.44
C PHE A 504 -103.11 39.77 -66.32
N GLN A 505 -102.85 38.57 -65.83
CA GLN A 505 -101.93 38.37 -64.72
C GLN A 505 -100.56 37.91 -65.20
N VAL A 506 -99.53 38.67 -64.84
CA VAL A 506 -98.15 38.30 -65.17
C VAL A 506 -97.52 37.57 -64.00
N SER A 507 -97.12 36.33 -64.23
CA SER A 507 -96.61 35.47 -63.16
C SER A 507 -95.09 35.35 -63.20
N ALA A 508 -94.44 35.83 -62.16
CA ALA A 508 -92.99 35.70 -62.01
C ALA A 508 -92.68 34.45 -61.18
N ARG A 509 -91.79 33.62 -61.71
CA ARG A 509 -91.46 32.34 -61.08
C ARG A 509 -89.95 32.17 -60.95
N ASP A 510 -89.54 31.23 -60.10
CA ASP A 510 -88.13 30.94 -59.91
C ASP A 510 -87.64 29.90 -60.91
N ALA A 511 -86.35 29.57 -60.83
CA ALA A 511 -85.78 28.56 -61.71
C ALA A 511 -85.22 27.41 -60.89
N GLY A 512 -85.28 27.54 -59.57
CA GLY A 512 -84.83 26.50 -58.67
C GLY A 512 -85.74 25.29 -58.73
N VAL A 513 -85.24 24.15 -58.24
CA VAL A 513 -86.03 22.92 -58.24
C VAL A 513 -87.27 23.04 -57.34
N PRO A 514 -87.15 23.66 -56.15
CA PRO A 514 -88.41 23.98 -55.47
C PRO A 514 -88.93 25.36 -55.87
N ALA A 515 -89.46 25.46 -57.08
CA ALA A 515 -89.85 26.75 -57.65
C ALA A 515 -91.00 27.40 -56.89
N LEU A 516 -90.85 28.69 -56.63
CA LEU A 516 -91.88 29.48 -55.96
C LEU A 516 -92.15 30.72 -56.79
N GLY A 517 -93.42 31.10 -56.90
CA GLY A 517 -93.78 32.24 -57.73
C GLY A 517 -94.89 33.12 -57.21
N SER A 518 -95.00 34.32 -57.77
CA SER A 518 -96.05 35.26 -57.42
C SER A 518 -96.55 35.97 -58.66
N ASN A 519 -97.82 36.38 -58.65
CA ASN A 519 -98.41 37.02 -59.81
C ASN A 519 -98.82 38.47 -59.55
N VAL A 520 -98.53 39.33 -60.52
CA VAL A 520 -98.89 40.74 -60.45
C VAL A 520 -99.89 41.08 -61.54
N THR A 521 -100.81 41.98 -61.25
CA THR A 521 -101.85 42.34 -62.20
C THR A 521 -101.40 43.40 -63.19
N LEU A 522 -101.48 43.06 -64.48
CA LEU A 522 -101.14 43.99 -65.55
C LEU A 522 -102.37 44.29 -66.40
N GLN A 523 -102.57 45.58 -66.70
CA GLN A 523 -103.74 46.01 -67.45
C GLN A 523 -103.33 46.88 -68.63
N VAL A 524 -104.03 46.71 -69.75
CA VAL A 524 -103.83 47.56 -70.93
C VAL A 524 -105.15 48.11 -71.44
N PHE A 525 -105.17 49.39 -71.78
CA PHE A 525 -106.39 50.03 -72.24
C PHE A 525 -106.28 50.60 -73.66
N VAL A 526 -107.01 50.01 -74.59
CA VAL A 526 -107.04 50.49 -75.97
C VAL A 526 -108.40 50.23 -76.63
N LEU A 527 -108.97 51.26 -77.23
CA LEU A 527 -110.27 51.13 -77.91
C LEU A 527 -110.31 51.91 -79.22
N ASP A 528 -109.15 52.10 -79.84
CA ASP A 528 -109.06 52.82 -81.09
C ASP A 528 -108.79 51.88 -82.26
N GLN B 1 -68.88 5.16 -21.65
CA GLN B 1 -69.50 5.17 -22.97
C GLN B 1 -69.35 3.81 -23.64
N LEU B 2 -68.11 3.39 -23.87
CA LEU B 2 -67.84 2.06 -24.41
C LEU B 2 -66.38 1.62 -24.25
N HIS B 3 -66.18 0.43 -23.71
CA HIS B 3 -64.85 -0.10 -23.44
C HIS B 3 -64.64 -1.49 -24.05
N TYR B 4 -63.54 -1.65 -24.79
CA TYR B 4 -63.16 -2.97 -25.29
C TYR B 4 -61.75 -3.36 -24.85
N SER B 5 -61.60 -4.59 -24.38
CA SER B 5 -60.31 -5.11 -23.95
C SER B 5 -59.73 -6.07 -24.99
N VAL B 6 -58.53 -5.75 -25.47
CA VAL B 6 -57.86 -6.58 -26.46
C VAL B 6 -56.45 -6.96 -26.02
N PRO B 7 -56.15 -8.27 -26.04
CA PRO B 7 -54.83 -8.81 -25.69
C PRO B 7 -53.73 -8.38 -26.65
N GLU B 8 -52.56 -8.06 -26.10
CA GLU B 8 -51.42 -7.63 -26.91
C GLU B 8 -50.93 -8.76 -27.82
N GLU B 9 -50.53 -8.40 -29.04
CA GLU B 9 -50.03 -9.36 -30.02
C GLU B 9 -51.02 -10.49 -30.27
N ALA B 10 -52.14 -10.16 -30.89
CA ALA B 10 -53.17 -11.15 -31.17
C ALA B 10 -53.10 -11.66 -32.60
N LYS B 11 -53.82 -12.74 -32.87
CA LYS B 11 -53.88 -13.32 -34.21
C LYS B 11 -54.54 -12.33 -35.17
N HIS B 12 -54.16 -12.43 -36.45
CA HIS B 12 -54.74 -11.56 -37.48
C HIS B 12 -56.24 -11.81 -37.59
N GLY B 13 -57.02 -10.73 -37.52
CA GLY B 13 -58.46 -10.83 -37.60
C GLY B 13 -59.09 -11.33 -36.31
N THR B 14 -58.52 -10.92 -35.18
CA THR B 14 -59.02 -11.31 -33.88
C THR B 14 -60.30 -10.55 -33.55
N PHE B 15 -61.31 -11.26 -33.06
CA PHE B 15 -62.59 -10.66 -32.71
C PHE B 15 -62.45 -9.66 -31.56
N VAL B 16 -62.85 -8.42 -31.81
CA VAL B 16 -62.77 -7.38 -30.79
C VAL B 16 -64.13 -7.13 -30.15
N GLY B 17 -65.13 -6.82 -30.98
CA GLY B 17 -66.48 -6.59 -30.51
C GLY B 17 -67.43 -6.15 -31.60
N ARG B 18 -68.71 -6.49 -31.45
CA ARG B 18 -69.73 -6.11 -32.41
C ARG B 18 -70.15 -4.65 -32.22
N ILE B 19 -69.27 -3.74 -32.65
CA ILE B 19 -69.51 -2.30 -32.49
C ILE B 19 -70.75 -1.83 -33.25
N ALA B 20 -71.04 -2.49 -34.36
CA ALA B 20 -72.18 -2.13 -35.20
C ALA B 20 -73.50 -2.23 -34.45
N GLN B 21 -73.82 -3.42 -33.96
CA GLN B 21 -75.08 -3.66 -33.27
C GLN B 21 -75.09 -3.04 -31.87
N ASP B 22 -73.91 -2.73 -31.34
CA ASP B 22 -73.80 -2.13 -30.01
C ASP B 22 -74.20 -0.66 -30.01
N LEU B 23 -74.06 0.00 -31.15
CA LEU B 23 -74.42 1.41 -31.28
C LEU B 23 -75.82 1.58 -31.87
N GLY B 24 -76.57 0.48 -31.92
CA GLY B 24 -77.93 0.49 -32.43
C GLY B 24 -78.02 0.90 -33.88
N LEU B 25 -77.08 0.42 -34.69
CA LEU B 25 -77.08 0.68 -36.12
C LEU B 25 -76.87 -0.60 -36.89
N GLU B 26 -77.69 -0.84 -37.90
CA GLU B 26 -77.59 -2.06 -38.70
C GLU B 26 -76.56 -1.91 -39.81
N LEU B 27 -76.17 -3.03 -40.40
CA LEU B 27 -75.26 -3.06 -41.53
C LEU B 27 -75.86 -2.27 -42.70
N THR B 28 -77.17 -2.40 -42.83
CA THR B 28 -77.94 -1.75 -43.88
C THR B 28 -77.76 -0.22 -43.83
N GLU B 29 -77.61 0.30 -42.61
CA GLU B 29 -77.32 1.73 -42.42
C GLU B 29 -75.84 2.01 -42.65
N LEU B 30 -75.00 1.04 -42.29
CA LEU B 30 -73.56 1.19 -42.34
C LEU B 30 -73.04 1.32 -43.78
N VAL B 31 -73.66 0.59 -44.71
CA VAL B 31 -73.17 0.55 -46.08
C VAL B 31 -73.23 1.91 -46.81
N PRO B 32 -74.41 2.57 -46.86
CA PRO B 32 -74.41 3.79 -47.68
C PRO B 32 -73.75 4.99 -46.99
N ARG B 33 -74.05 5.20 -45.72
CA ARG B 33 -73.48 6.32 -44.97
C ARG B 33 -71.96 6.17 -44.82
N LEU B 34 -71.24 7.25 -45.10
CA LEU B 34 -69.78 7.26 -45.04
C LEU B 34 -69.28 6.91 -43.65
N PHE B 35 -68.58 5.78 -43.54
CA PHE B 35 -68.07 5.30 -42.27
C PHE B 35 -66.59 5.58 -42.08
N ARG B 36 -66.28 6.53 -41.20
CA ARG B 36 -64.88 6.91 -40.96
C ARG B 36 -64.45 6.57 -39.54
N VAL B 37 -63.28 5.96 -39.41
CA VAL B 37 -62.69 5.69 -38.10
C VAL B 37 -61.26 6.21 -37.99
N ALA B 38 -61.01 7.05 -37.00
CA ALA B 38 -59.67 7.64 -36.85
C ALA B 38 -59.14 7.44 -35.44
N SER B 39 -57.83 7.20 -35.32
CA SER B 39 -57.22 6.99 -34.02
C SER B 39 -55.82 7.60 -33.95
N LYS B 40 -55.34 7.80 -32.72
CA LYS B 40 -53.98 8.31 -32.51
C LYS B 40 -52.95 7.19 -32.74
N ASP B 41 -51.72 7.45 -32.30
CA ASP B 41 -50.61 6.53 -32.48
C ASP B 41 -50.43 6.14 -33.95
N ARG B 42 -50.50 4.84 -34.23
CA ARG B 42 -50.44 4.36 -35.61
C ARG B 42 -51.73 4.64 -36.36
N GLY B 43 -52.85 4.23 -35.76
CA GLY B 43 -54.16 4.45 -36.36
C GLY B 43 -54.50 3.44 -37.43
N ASP B 44 -53.65 2.42 -37.58
CA ASP B 44 -53.87 1.39 -38.58
C ASP B 44 -53.80 -0.01 -37.95
N LEU B 45 -53.84 -0.05 -36.62
CA LEU B 45 -53.76 -1.30 -35.89
C LEU B 45 -55.03 -2.13 -36.06
N LEU B 46 -56.17 -1.46 -35.99
CA LEU B 46 -57.45 -2.14 -36.12
C LEU B 46 -58.22 -1.65 -37.34
N GLU B 47 -59.09 -2.50 -37.88
CA GLU B 47 -59.92 -2.10 -39.01
C GLU B 47 -61.20 -2.93 -39.05
N VAL B 48 -62.27 -2.35 -39.58
CA VAL B 48 -63.55 -3.02 -39.62
C VAL B 48 -63.95 -3.44 -41.04
N ASN B 49 -64.35 -4.69 -41.19
CA ASN B 49 -64.91 -5.15 -42.46
C ASN B 49 -66.43 -5.06 -42.47
N LEU B 50 -66.97 -4.48 -43.54
CA LEU B 50 -68.39 -4.15 -43.63
C LEU B 50 -69.26 -5.31 -44.09
N GLN B 51 -68.66 -6.29 -44.77
CA GLN B 51 -69.43 -7.42 -45.31
C GLN B 51 -70.17 -8.19 -44.21
N ASN B 52 -69.48 -8.41 -43.09
CA ASN B 52 -70.11 -9.04 -41.93
C ASN B 52 -70.22 -8.06 -40.78
N GLY B 53 -69.75 -6.83 -41.03
CA GLY B 53 -69.80 -5.76 -40.05
C GLY B 53 -69.12 -6.07 -38.73
N ILE B 54 -67.81 -6.30 -38.76
CA ILE B 54 -67.09 -6.59 -37.53
C ILE B 54 -65.74 -5.86 -37.48
N LEU B 55 -65.20 -5.72 -36.28
CA LEU B 55 -63.91 -5.07 -36.07
C LEU B 55 -62.84 -6.13 -35.83
N PHE B 56 -61.67 -5.94 -36.44
CA PHE B 56 -60.61 -6.94 -36.33
C PHE B 56 -59.21 -6.35 -36.36
N VAL B 57 -58.24 -7.16 -35.91
CA VAL B 57 -56.83 -6.81 -35.91
C VAL B 57 -56.20 -6.96 -37.29
N ASN B 58 -55.55 -5.88 -37.76
CA ASN B 58 -54.88 -5.92 -39.05
C ASN B 58 -53.38 -6.16 -38.90
N SER B 59 -52.75 -5.44 -37.98
CA SER B 59 -51.30 -5.55 -37.77
C SER B 59 -50.96 -5.91 -36.32
N ARG B 60 -49.71 -6.31 -36.11
CA ARG B 60 -49.20 -6.67 -34.78
C ARG B 60 -49.32 -5.51 -33.79
N ILE B 61 -49.78 -5.81 -32.58
CA ILE B 61 -49.94 -4.79 -31.54
C ILE B 61 -48.87 -4.89 -30.46
N ASP B 62 -47.92 -3.96 -30.48
CA ASP B 62 -46.92 -3.89 -29.42
C ASP B 62 -47.27 -2.79 -28.43
N ARG B 63 -47.79 -3.18 -27.28
CA ARG B 63 -48.22 -2.23 -26.26
C ARG B 63 -47.07 -1.40 -25.70
N GLU B 64 -45.93 -2.06 -25.49
CA GLU B 64 -44.75 -1.41 -24.94
C GLU B 64 -44.15 -0.38 -25.90
N GLU B 65 -44.45 -0.53 -27.19
CA GLU B 65 -43.96 0.39 -28.19
C GLU B 65 -44.75 1.70 -28.16
N LEU B 66 -46.02 1.61 -27.79
CA LEU B 66 -46.91 2.77 -27.80
C LEU B 66 -46.98 3.47 -26.44
N CYS B 67 -47.19 2.70 -25.38
CA CYS B 67 -47.39 3.26 -24.05
C CYS B 67 -46.15 3.13 -23.16
N GLY B 68 -45.16 2.37 -23.63
CA GLY B 68 -43.93 2.18 -22.89
C GLY B 68 -44.13 1.44 -21.58
N ARG B 69 -43.57 1.99 -20.51
CA ARG B 69 -43.68 1.38 -19.19
C ARG B 69 -44.70 2.09 -18.32
N SER B 70 -45.84 2.43 -18.91
CA SER B 70 -46.91 3.11 -18.19
C SER B 70 -47.98 2.13 -17.72
N ALA B 71 -48.63 2.45 -16.61
CA ALA B 71 -49.58 1.55 -15.98
C ALA B 71 -50.81 1.29 -16.86
N GLU B 72 -51.35 2.35 -17.47
CA GLU B 72 -52.58 2.23 -18.23
C GLU B 72 -52.38 2.55 -19.72
N CYS B 73 -52.92 1.68 -20.57
CA CYS B 73 -52.86 1.88 -22.01
C CYS B 73 -54.26 1.84 -22.62
N SER B 74 -54.61 2.89 -23.36
CA SER B 74 -55.90 2.95 -24.03
C SER B 74 -55.81 3.72 -25.35
N ILE B 75 -56.46 3.18 -26.38
CA ILE B 75 -56.47 3.82 -27.69
C ILE B 75 -57.79 4.54 -27.92
N HIS B 76 -57.71 5.85 -28.18
CA HIS B 76 -58.90 6.65 -28.43
C HIS B 76 -59.24 6.64 -29.91
N LEU B 77 -60.35 6.02 -30.27
CA LEU B 77 -60.82 5.99 -31.65
C LEU B 77 -62.15 6.72 -31.82
N GLU B 78 -62.22 7.59 -32.82
CA GLU B 78 -63.43 8.32 -33.13
C GLU B 78 -64.10 7.79 -34.39
N VAL B 79 -65.42 7.67 -34.32
CA VAL B 79 -66.23 7.17 -35.43
C VAL B 79 -67.16 8.25 -35.96
N ILE B 80 -67.02 8.57 -37.24
CA ILE B 80 -67.85 9.59 -37.87
C ILE B 80 -68.68 9.02 -39.01
N VAL B 81 -69.98 9.30 -38.99
CA VAL B 81 -70.87 8.87 -40.06
C VAL B 81 -71.63 10.06 -40.63
N ASP B 82 -71.82 10.06 -41.95
CA ASP B 82 -72.44 11.20 -42.62
C ASP B 82 -73.85 10.90 -43.10
N ARG B 83 -74.62 11.97 -43.32
CA ARG B 83 -75.99 11.89 -43.82
C ARG B 83 -76.89 10.98 -42.97
N PRO B 84 -77.29 11.45 -41.79
CA PRO B 84 -76.89 12.71 -41.18
C PRO B 84 -75.58 12.59 -40.41
N LEU B 85 -74.99 13.72 -40.01
CA LEU B 85 -73.72 13.71 -39.30
C LEU B 85 -73.89 13.19 -37.87
N GLN B 86 -73.07 12.21 -37.50
CA GLN B 86 -73.11 11.66 -36.14
C GLN B 86 -71.72 11.14 -35.75
N VAL B 87 -71.31 11.42 -34.52
CA VAL B 87 -69.99 11.03 -34.03
C VAL B 87 -70.02 10.27 -32.71
N PHE B 88 -69.34 9.13 -32.66
CA PHE B 88 -69.25 8.32 -31.45
C PHE B 88 -67.79 8.03 -31.09
N HIS B 89 -67.42 8.30 -29.85
CA HIS B 89 -66.05 8.09 -29.39
C HIS B 89 -65.91 6.82 -28.56
N VAL B 90 -65.03 5.93 -29.00
CA VAL B 90 -64.82 4.64 -28.33
C VAL B 90 -63.36 4.45 -27.96
N GLU B 91 -63.12 3.96 -26.75
CA GLU B 91 -61.76 3.72 -26.25
C GLU B 91 -61.48 2.24 -26.08
N VAL B 92 -60.35 1.78 -26.63
CA VAL B 92 -59.98 0.37 -26.55
C VAL B 92 -58.71 0.16 -25.72
N GLU B 93 -58.88 -0.44 -24.55
CA GLU B 93 -57.76 -0.67 -23.64
C GLU B 93 -56.97 -1.91 -24.02
N VAL B 94 -55.64 -1.77 -24.09
CA VAL B 94 -54.76 -2.86 -24.45
C VAL B 94 -54.25 -3.60 -23.22
N LYS B 95 -54.44 -4.91 -23.19
CA LYS B 95 -53.99 -5.73 -22.07
C LYS B 95 -52.55 -6.20 -22.26
N ASP B 96 -51.76 -6.12 -21.19
CA ASP B 96 -50.36 -6.50 -21.24
C ASP B 96 -50.16 -8.00 -21.05
N ILE B 97 -49.38 -8.60 -21.94
CA ILE B 97 -49.03 -10.01 -21.83
C ILE B 97 -47.53 -10.18 -21.59
N ASN B 98 -47.16 -11.16 -20.77
CA ASN B 98 -45.76 -11.39 -20.44
C ASN B 98 -44.99 -11.96 -21.63
N ASP B 99 -44.65 -11.11 -22.58
CA ASP B 99 -43.90 -11.53 -23.76
C ASP B 99 -42.48 -10.96 -23.73
N ASN B 100 -42.20 -10.14 -22.72
CA ASN B 100 -40.87 -9.56 -22.56
C ASN B 100 -40.15 -10.10 -21.33
N PRO B 101 -39.05 -10.84 -21.56
CA PRO B 101 -38.25 -11.46 -20.49
C PRO B 101 -37.35 -10.48 -19.76
N PRO B 102 -36.99 -10.79 -18.50
CA PRO B 102 -36.01 -9.99 -17.77
C PRO B 102 -34.67 -9.97 -18.50
N MET B 103 -34.26 -8.80 -18.97
CA MET B 103 -33.03 -8.68 -19.74
C MET B 103 -32.00 -7.86 -19.00
N PHE B 104 -30.84 -8.47 -18.76
CA PHE B 104 -29.72 -7.77 -18.16
C PHE B 104 -28.95 -6.97 -19.21
N PRO B 105 -28.34 -5.85 -18.79
CA PRO B 105 -27.52 -5.02 -19.69
C PRO B 105 -26.40 -5.81 -20.34
N ALA B 106 -25.91 -6.84 -19.65
CA ALA B 106 -24.88 -7.71 -20.18
C ALA B 106 -25.00 -9.12 -19.61
N THR B 107 -24.74 -10.11 -20.46
CA THR B 107 -24.77 -11.51 -20.04
C THR B 107 -23.61 -11.81 -19.10
N GLN B 108 -22.44 -11.28 -19.45
CA GLN B 108 -21.24 -11.49 -18.64
C GLN B 108 -20.64 -10.18 -18.17
N LYS B 109 -20.44 -10.05 -16.85
CA LYS B 109 -19.84 -8.85 -16.27
C LYS B 109 -18.79 -9.21 -15.23
N ALA B 110 -17.59 -8.66 -15.39
CA ALA B 110 -16.49 -8.97 -14.49
C ALA B 110 -16.21 -7.81 -13.52
N LEU B 111 -16.17 -8.12 -12.22
CA LEU B 111 -15.89 -7.12 -11.20
C LEU B 111 -14.55 -7.41 -10.54
N PHE B 112 -13.89 -6.35 -10.07
CA PHE B 112 -12.59 -6.48 -9.44
C PHE B 112 -12.59 -5.97 -8.01
N ILE B 113 -12.40 -6.89 -7.07
CA ILE B 113 -12.45 -6.57 -5.64
C ILE B 113 -11.11 -6.85 -4.98
N LEU B 114 -10.66 -5.90 -4.15
CA LEU B 114 -9.39 -6.05 -3.45
C LEU B 114 -9.49 -7.14 -2.39
N GLU B 115 -8.37 -7.82 -2.14
CA GLU B 115 -8.33 -8.89 -1.16
C GLU B 115 -8.52 -8.38 0.27
N SER B 116 -7.94 -7.22 0.56
CA SER B 116 -7.95 -6.68 1.92
C SER B 116 -9.27 -6.00 2.27
N ARG B 117 -10.24 -6.06 1.36
CA ARG B 117 -11.53 -5.43 1.57
C ARG B 117 -12.28 -6.07 2.73
N LEU B 118 -12.68 -5.25 3.71
CA LEU B 118 -13.35 -5.74 4.91
C LEU B 118 -14.82 -6.08 4.63
N LEU B 119 -15.44 -6.78 5.57
CA LEU B 119 -16.84 -7.18 5.48
C LEU B 119 -17.79 -5.98 5.56
N ASP B 120 -19.07 -6.26 5.31
CA ASP B 120 -20.13 -5.25 5.35
C ASP B 120 -19.97 -4.18 4.28
N SER B 121 -19.04 -4.39 3.36
CA SER B 121 -18.85 -3.50 2.23
C SER B 121 -19.73 -3.94 1.08
N ARG B 122 -20.51 -3.02 0.53
CA ARG B 122 -21.44 -3.38 -0.54
C ARG B 122 -20.93 -2.93 -1.90
N PHE B 123 -21.31 -3.68 -2.93
CA PHE B 123 -20.91 -3.34 -4.29
C PHE B 123 -22.13 -3.14 -5.18
N PRO B 124 -22.16 -2.02 -5.92
CA PRO B 124 -23.31 -1.68 -6.76
C PRO B 124 -23.45 -2.60 -7.96
N LEU B 125 -24.65 -3.13 -8.18
CA LEU B 125 -24.90 -3.97 -9.35
C LEU B 125 -26.15 -3.51 -10.10
N GLU B 126 -26.02 -3.37 -11.41
CA GLU B 126 -27.14 -2.94 -12.25
C GLU B 126 -28.18 -4.05 -12.38
N GLY B 127 -29.44 -3.67 -12.30
CA GLY B 127 -30.54 -4.62 -12.42
C GLY B 127 -30.91 -4.91 -13.85
N ALA B 128 -31.81 -5.87 -14.04
CA ALA B 128 -32.28 -6.24 -15.37
C ALA B 128 -33.43 -5.33 -15.78
N SER B 129 -33.51 -5.04 -17.08
CA SER B 129 -34.58 -4.18 -17.57
C SER B 129 -35.78 -4.99 -18.04
N ASP B 130 -36.97 -4.42 -17.88
CA ASP B 130 -38.20 -5.08 -18.29
C ASP B 130 -39.22 -4.08 -18.81
N ALA B 131 -39.77 -4.35 -19.98
CA ALA B 131 -40.77 -3.46 -20.57
C ALA B 131 -42.16 -3.78 -20.06
N ASP B 132 -42.30 -4.94 -19.43
CA ASP B 132 -43.58 -5.36 -18.87
C ASP B 132 -43.95 -4.55 -17.63
N VAL B 133 -45.25 -4.47 -17.35
CA VAL B 133 -45.74 -3.70 -16.21
C VAL B 133 -46.68 -4.54 -15.34
N GLY B 134 -46.47 -4.51 -14.04
CA GLY B 134 -47.34 -5.21 -13.11
C GLY B 134 -46.75 -6.49 -12.56
N SER B 135 -47.59 -7.49 -12.35
CA SER B 135 -47.17 -8.76 -11.78
C SER B 135 -46.14 -9.46 -12.67
N ASN B 136 -46.34 -9.38 -13.99
CA ASN B 136 -45.44 -10.01 -14.94
C ASN B 136 -44.16 -9.20 -15.18
N ALA B 137 -43.74 -8.46 -14.16
CA ALA B 137 -42.48 -7.74 -14.18
C ALA B 137 -41.51 -8.37 -13.19
N LEU B 138 -40.22 -8.26 -13.46
CA LEU B 138 -39.23 -8.90 -12.59
C LEU B 138 -39.28 -8.29 -11.19
N LEU B 139 -39.26 -9.15 -10.18
CA LEU B 139 -39.33 -8.72 -8.79
C LEU B 139 -38.43 -9.58 -7.93
N THR B 140 -38.10 -10.76 -8.43
CA THR B 140 -37.34 -11.73 -7.65
C THR B 140 -35.93 -11.98 -8.19
N TYR B 141 -34.94 -11.73 -7.35
CA TYR B 141 -33.54 -11.99 -7.66
C TYR B 141 -33.04 -13.15 -6.82
N ARG B 142 -32.31 -14.06 -7.44
CA ARG B 142 -31.74 -15.21 -6.75
C ARG B 142 -30.26 -15.32 -7.06
N LEU B 143 -29.44 -15.24 -6.01
CA LEU B 143 -27.98 -15.36 -6.17
C LEU B 143 -27.55 -16.80 -5.89
N SER B 144 -26.53 -17.26 -6.61
CA SER B 144 -25.97 -18.58 -6.39
C SER B 144 -25.46 -18.73 -4.97
N THR B 145 -25.61 -19.92 -4.40
CA THR B 145 -25.18 -20.20 -3.04
C THR B 145 -23.67 -20.10 -2.92
N ASN B 146 -23.19 -19.05 -2.27
CA ASN B 146 -21.76 -18.82 -2.11
C ASN B 146 -21.37 -18.56 -0.66
N GLU B 147 -20.17 -19.02 -0.29
CA GLU B 147 -19.67 -18.86 1.07
C GLU B 147 -19.32 -17.42 1.39
N HIS B 148 -18.68 -16.74 0.44
CA HIS B 148 -18.12 -15.41 0.70
C HIS B 148 -19.12 -14.27 0.57
N PHE B 149 -20.08 -14.39 -0.34
CA PHE B 149 -20.94 -13.25 -0.65
C PHE B 149 -22.44 -13.49 -0.39
N SER B 150 -23.15 -12.41 -0.09
CA SER B 150 -24.60 -12.42 0.08
C SER B 150 -25.23 -11.24 -0.65
N LEU B 151 -26.49 -11.39 -1.03
CA LEU B 151 -27.17 -10.36 -1.82
C LEU B 151 -28.04 -9.43 -0.97
N ASP B 152 -28.13 -8.17 -1.38
CA ASP B 152 -28.91 -7.17 -0.65
C ASP B 152 -29.69 -6.25 -1.60
N VAL B 153 -30.99 -6.11 -1.33
CA VAL B 153 -31.85 -5.28 -2.19
C VAL B 153 -32.72 -4.33 -1.37
N PRO B 154 -32.69 -3.03 -1.73
CA PRO B 154 -33.53 -1.99 -1.11
C PRO B 154 -35.01 -2.14 -1.46
N PRO B 155 -35.88 -1.99 -0.45
CA PRO B 155 -37.33 -2.23 -0.62
C PRO B 155 -38.09 -0.99 -1.10
N ASN B 156 -38.09 -0.76 -2.41
CA ASN B 156 -38.75 0.42 -2.97
C ASN B 156 -39.03 0.23 -4.46
N VAL B 160 -35.20 1.87 -8.53
CA VAL B 160 -35.18 2.92 -7.52
C VAL B 160 -33.78 3.10 -6.93
N LYS B 161 -33.08 1.99 -6.75
CA LYS B 161 -31.72 2.01 -6.21
C LYS B 161 -30.99 0.73 -6.60
N PRO B 162 -29.72 0.85 -7.00
CA PRO B 162 -28.96 -0.33 -7.40
C PRO B 162 -28.78 -1.31 -6.23
N LEU B 163 -28.99 -2.60 -6.50
CA LEU B 163 -28.85 -3.61 -5.46
C LEU B 163 -27.38 -3.85 -5.15
N GLY B 164 -27.08 -4.14 -3.88
CA GLY B 164 -25.71 -4.27 -3.44
C GLY B 164 -25.30 -5.70 -3.13
N LEU B 165 -24.03 -5.99 -3.39
CA LEU B 165 -23.43 -7.28 -3.01
C LEU B 165 -22.59 -7.10 -1.75
N VAL B 166 -22.95 -7.83 -0.71
CA VAL B 166 -22.27 -7.72 0.58
C VAL B 166 -21.31 -8.87 0.83
N LEU B 167 -20.10 -8.53 1.26
CA LEU B 167 -19.07 -9.52 1.57
C LEU B 167 -19.31 -10.14 2.94
N ARG B 168 -19.72 -11.40 2.97
CA ARG B 168 -20.00 -12.11 4.22
C ARG B 168 -18.73 -12.66 4.85
N LYS B 169 -17.90 -13.32 4.04
CA LYS B 169 -16.66 -13.89 4.52
C LYS B 169 -15.47 -13.24 3.81
N PRO B 170 -14.38 -12.98 4.54
CA PRO B 170 -13.19 -12.30 4.00
C PRO B 170 -12.59 -13.05 2.81
N LEU B 171 -12.03 -12.30 1.88
CA LEU B 171 -11.51 -12.88 0.65
C LEU B 171 -9.98 -12.91 0.63
N ASP B 172 -9.42 -13.88 -0.07
CA ASP B 172 -7.98 -14.03 -0.18
C ASP B 172 -7.57 -14.46 -1.58
N ARG B 173 -6.52 -13.84 -2.11
CA ARG B 173 -6.06 -14.13 -3.47
C ARG B 173 -5.43 -15.52 -3.56
N GLU B 174 -4.60 -15.84 -2.58
CA GLU B 174 -3.85 -17.10 -2.57
C GLU B 174 -4.76 -18.33 -2.47
N GLU B 175 -5.79 -18.24 -1.62
CA GLU B 175 -6.73 -19.33 -1.45
C GLU B 175 -7.65 -19.43 -2.66
N ALA B 176 -8.22 -18.29 -3.04
CA ALA B 176 -9.11 -18.24 -4.19
C ALA B 176 -8.69 -17.12 -5.14
N ALA B 177 -8.12 -17.51 -6.27
CA ALA B 177 -7.66 -16.54 -7.26
C ALA B 177 -8.85 -15.92 -8.00
N GLU B 178 -9.82 -16.76 -8.33
CA GLU B 178 -11.00 -16.31 -9.07
C GLU B 178 -12.28 -16.87 -8.45
N ILE B 179 -13.36 -16.10 -8.54
CA ILE B 179 -14.66 -16.53 -8.03
C ILE B 179 -15.73 -16.36 -9.11
N ARG B 180 -16.50 -17.43 -9.34
CA ARG B 180 -17.58 -17.40 -10.33
C ARG B 180 -18.96 -17.54 -9.70
N LEU B 181 -19.86 -16.63 -10.04
CA LEU B 181 -21.24 -16.68 -9.54
C LEU B 181 -22.24 -16.50 -10.66
N LEU B 182 -23.50 -16.88 -10.39
CA LEU B 182 -24.57 -16.67 -11.36
C LEU B 182 -25.77 -16.00 -10.68
N LEU B 183 -26.28 -14.94 -11.29
CA LEU B 183 -27.43 -14.23 -10.75
C LEU B 183 -28.64 -14.46 -11.65
N THR B 184 -29.74 -14.92 -11.06
CA THR B 184 -30.94 -15.22 -11.82
C THR B 184 -32.12 -14.33 -11.44
N ALA B 185 -32.65 -13.60 -12.41
CA ALA B 185 -33.80 -12.75 -12.19
C ALA B 185 -35.04 -13.36 -12.83
N THR B 186 -36.05 -13.62 -12.00
CA THR B 186 -37.28 -14.27 -12.47
C THR B 186 -38.51 -13.39 -12.25
N ASP B 187 -39.30 -13.20 -13.29
CA ASP B 187 -40.52 -12.42 -13.19
C ASP B 187 -41.73 -13.30 -12.88
N GLY B 188 -42.75 -12.72 -12.27
CA GLY B 188 -43.94 -13.46 -11.89
C GLY B 188 -45.04 -13.36 -12.94
N GLY B 189 -44.85 -14.04 -14.06
CA GLY B 189 -45.82 -14.02 -15.14
C GLY B 189 -46.01 -15.39 -15.77
N LYS B 190 -47.06 -15.53 -16.57
CA LYS B 190 -47.33 -16.78 -17.26
C LYS B 190 -47.28 -16.58 -18.78
N PRO B 191 -46.34 -17.28 -19.44
CA PRO B 191 -45.36 -18.21 -18.85
C PRO B 191 -44.22 -17.49 -18.15
N GLU B 192 -43.48 -18.22 -17.32
CA GLU B 192 -42.37 -17.65 -16.56
C GLU B 192 -41.12 -17.56 -17.42
N LEU B 193 -40.50 -16.39 -17.40
CA LEU B 193 -39.30 -16.11 -18.19
C LEU B 193 -38.02 -16.04 -17.34
N THR B 194 -36.89 -16.27 -17.99
CA THR B 194 -35.60 -16.34 -17.31
C THR B 194 -34.65 -15.20 -17.64
N GLY B 195 -34.02 -14.66 -16.59
CA GLY B 195 -32.91 -13.73 -16.77
C GLY B 195 -31.70 -14.28 -16.05
N THR B 196 -30.54 -14.26 -16.71
CA THR B 196 -29.32 -14.77 -16.09
C THR B 196 -28.13 -13.88 -16.42
N VAL B 197 -27.31 -13.60 -15.41
CA VAL B 197 -26.03 -12.92 -15.63
C VAL B 197 -24.93 -13.59 -14.80
N GLN B 198 -23.90 -14.09 -15.48
CA GLN B 198 -22.80 -14.75 -14.79
C GLN B 198 -21.66 -13.78 -14.49
N LEU B 199 -21.35 -13.61 -13.22
CA LEU B 199 -20.29 -12.71 -12.79
C LEU B 199 -19.00 -13.48 -12.49
N LEU B 200 -17.92 -13.12 -13.18
CA LEU B 200 -16.62 -13.71 -12.95
C LEU B 200 -15.68 -12.69 -12.30
N ILE B 201 -15.65 -12.68 -10.98
CA ILE B 201 -14.84 -11.71 -10.25
C ILE B 201 -13.44 -12.24 -9.96
N THR B 202 -12.44 -11.40 -10.17
CA THR B 202 -11.05 -11.78 -9.95
C THR B 202 -10.53 -11.10 -8.68
N VAL B 203 -9.78 -11.84 -7.89
CA VAL B 203 -9.27 -11.32 -6.62
C VAL B 203 -7.91 -10.65 -6.84
N LEU B 204 -7.82 -9.38 -6.43
CA LEU B 204 -6.60 -8.63 -6.62
C LEU B 204 -5.63 -8.84 -5.47
N ASP B 205 -4.37 -9.12 -5.81
CA ASP B 205 -3.34 -9.39 -4.81
C ASP B 205 -3.05 -8.15 -3.97
N VAL B 206 -3.16 -8.31 -2.65
CA VAL B 206 -2.81 -7.25 -1.72
C VAL B 206 -1.62 -7.70 -0.89
N ASN B 207 -0.64 -6.83 -0.73
CA ASN B 207 0.56 -7.15 0.03
C ASN B 207 0.26 -7.38 1.51
N ASP B 208 -0.24 -8.57 1.83
CA ASP B 208 -0.57 -8.91 3.21
C ASP B 208 0.29 -10.05 3.75
N ASN B 209 1.21 -10.53 2.92
CA ASN B 209 2.11 -11.60 3.33
C ASN B 209 3.54 -11.08 3.54
N ALA B 210 4.00 -11.14 4.79
CA ALA B 210 5.36 -10.73 5.12
C ALA B 210 6.36 -11.81 4.73
N PRO B 211 7.56 -11.40 4.28
CA PRO B 211 8.62 -12.35 3.95
C PRO B 211 9.14 -13.10 5.17
N VAL B 212 9.24 -14.42 5.07
CA VAL B 212 9.67 -15.24 6.21
C VAL B 212 10.84 -16.14 5.82
N PHE B 213 11.86 -16.17 6.68
CA PHE B 213 13.02 -17.03 6.47
C PHE B 213 12.75 -18.44 7.00
N ASP B 214 13.69 -19.34 6.75
CA ASP B 214 13.57 -20.72 7.22
C ASP B 214 13.60 -20.79 8.75
N ARG B 215 14.54 -20.07 9.35
CA ARG B 215 14.63 -19.98 10.80
C ARG B 215 15.27 -18.65 11.21
N SER B 216 14.96 -18.20 12.41
CA SER B 216 15.43 -16.90 12.92
C SER B 216 16.94 -16.78 12.96
N LEU B 217 17.64 -17.90 13.17
CA LEU B 217 19.08 -17.88 13.30
C LEU B 217 19.79 -18.94 12.47
N TYR B 218 20.90 -18.54 11.85
CA TYR B 218 21.74 -19.46 11.09
C TYR B 218 23.16 -19.44 11.64
N THR B 219 23.86 -20.57 11.53
CA THR B 219 25.23 -20.67 12.00
C THR B 219 26.18 -21.05 10.86
N VAL B 220 27.21 -20.23 10.66
CA VAL B 220 28.18 -20.47 9.60
C VAL B 220 29.60 -20.42 10.11
N LYS B 221 30.42 -21.40 9.70
CA LYS B 221 31.83 -21.43 10.06
C LYS B 221 32.65 -20.71 9.02
N LEU B 222 33.63 -19.91 9.47
CA LEU B 222 34.47 -19.14 8.57
C LEU B 222 35.92 -19.17 9.01
N PRO B 223 36.84 -19.41 8.07
CA PRO B 223 38.28 -19.38 8.37
C PRO B 223 38.74 -17.99 8.80
N GLU B 224 39.97 -17.88 9.27
CA GLU B 224 40.49 -16.62 9.78
C GLU B 224 41.00 -15.72 8.67
N ASN B 225 41.88 -16.26 7.82
CA ASN B 225 42.52 -15.47 6.78
C ASN B 225 41.85 -15.60 5.42
N VAL B 226 40.53 -15.48 5.37
CA VAL B 226 39.79 -15.54 4.11
C VAL B 226 40.10 -14.32 3.24
N PRO B 227 40.34 -14.57 1.93
CA PRO B 227 40.71 -13.53 0.97
C PRO B 227 39.59 -12.54 0.65
N ASN B 228 39.93 -11.50 -0.10
CA ASN B 228 39.00 -10.45 -0.49
C ASN B 228 37.89 -10.96 -1.41
N GLY B 229 36.67 -10.99 -0.89
CA GLY B 229 35.52 -11.39 -1.67
C GLY B 229 35.12 -12.85 -1.50
N THR B 230 35.29 -13.38 -0.30
CA THR B 230 34.94 -14.76 -0.01
C THR B 230 33.50 -14.90 0.44
N LEU B 231 32.78 -15.85 -0.15
CA LEU B 231 31.37 -16.08 0.19
C LEU B 231 31.23 -16.69 1.58
N VAL B 232 30.26 -16.19 2.35
CA VAL B 232 29.98 -16.75 3.67
C VAL B 232 28.74 -17.63 3.59
N ILE B 233 27.61 -17.02 3.25
CA ILE B 233 26.35 -17.73 3.09
C ILE B 233 25.36 -16.86 2.33
N LYS B 234 24.45 -17.49 1.58
CA LYS B 234 23.38 -16.77 0.90
C LYS B 234 22.07 -17.09 1.59
N VAL B 235 21.31 -16.04 1.94
CA VAL B 235 20.08 -16.24 2.68
C VAL B 235 18.90 -16.24 1.70
N ASN B 236 17.89 -17.04 1.98
CA ASN B 236 16.75 -17.13 1.09
C ASN B 236 15.45 -16.85 1.84
N ALA B 237 14.68 -15.88 1.33
CA ALA B 237 13.42 -15.48 1.96
C ALA B 237 12.20 -15.87 1.13
N SER B 238 11.15 -16.33 1.82
CA SER B 238 9.93 -16.77 1.17
C SER B 238 8.78 -15.78 1.31
N ASP B 239 8.12 -15.47 0.20
CA ASP B 239 6.99 -14.55 0.18
C ASP B 239 5.82 -15.15 -0.60
N LEU B 240 4.61 -14.95 -0.11
CA LEU B 240 3.43 -15.59 -0.70
C LEU B 240 2.57 -14.66 -1.54
N ASP B 241 3.13 -13.54 -1.97
CA ASP B 241 2.39 -12.60 -2.81
C ASP B 241 2.81 -12.75 -4.28
N GLU B 242 2.27 -11.89 -5.13
CA GLU B 242 2.47 -12.01 -6.57
C GLU B 242 3.20 -10.81 -7.16
N GLY B 243 4.13 -11.06 -8.07
CA GLY B 243 4.82 -10.01 -8.80
C GLY B 243 5.67 -9.10 -7.92
N VAL B 244 5.38 -7.81 -7.95
CA VAL B 244 6.14 -6.84 -7.17
C VAL B 244 5.98 -7.05 -5.67
N ASN B 245 4.84 -7.60 -5.26
CA ASN B 245 4.59 -7.87 -3.85
C ASN B 245 5.21 -9.20 -3.42
N GLY B 246 5.62 -10.00 -4.40
CA GLY B 246 6.11 -11.33 -4.14
C GLY B 246 7.62 -11.49 -4.07
N ASP B 247 8.36 -10.54 -4.64
CA ASP B 247 9.81 -10.59 -4.60
C ASP B 247 10.38 -9.62 -3.59
N VAL B 248 11.47 -10.01 -2.94
CA VAL B 248 12.05 -9.19 -1.87
C VAL B 248 13.52 -8.84 -2.11
N MET B 249 13.94 -7.72 -1.55
CA MET B 249 15.34 -7.30 -1.55
C MET B 249 15.93 -7.50 -0.16
N TYR B 250 17.18 -7.95 -0.12
CA TYR B 250 17.87 -8.23 1.14
C TYR B 250 18.78 -7.06 1.55
N SER B 251 18.86 -6.79 2.84
CA SER B 251 19.72 -5.73 3.35
C SER B 251 20.08 -5.93 4.82
N PHE B 252 21.06 -5.16 5.28
CA PHE B 252 21.42 -5.16 6.69
C PHE B 252 20.45 -4.30 7.49
N SER B 253 20.34 -4.57 8.79
CA SER B 253 19.55 -3.72 9.66
C SER B 253 20.30 -2.43 9.94
N SER B 254 19.58 -1.40 10.37
CA SER B 254 20.20 -0.10 10.64
C SER B 254 20.99 -0.11 11.94
N ASP B 255 20.83 -1.17 12.73
CA ASP B 255 21.45 -1.24 14.06
C ASP B 255 22.79 -1.96 14.04
N VAL B 256 23.30 -2.28 12.85
CA VAL B 256 24.57 -2.98 12.73
C VAL B 256 25.74 -2.09 13.14
N SER B 257 26.78 -2.72 13.71
CA SER B 257 27.98 -1.99 14.11
C SER B 257 28.78 -1.56 12.90
N SER B 258 29.62 -0.55 13.08
CA SER B 258 30.46 -0.03 12.00
C SER B 258 31.52 -1.06 11.59
N ASP B 259 32.04 -1.79 12.58
CA ASP B 259 33.03 -2.83 12.32
C ASP B 259 32.43 -3.99 11.52
N ILE B 260 31.21 -4.37 11.89
CA ILE B 260 30.49 -5.44 11.21
C ILE B 260 30.25 -5.09 9.74
N LYS B 261 29.83 -3.84 9.51
CA LYS B 261 29.61 -3.34 8.16
C LYS B 261 30.93 -3.22 7.41
N SER B 262 32.01 -2.98 8.15
CA SER B 262 33.33 -2.85 7.56
C SER B 262 33.88 -4.19 7.07
N LYS B 263 33.64 -5.24 7.84
CA LYS B 263 34.18 -6.56 7.50
C LYS B 263 33.27 -7.36 6.55
N PHE B 264 31.96 -7.10 6.62
CA PHE B 264 31.00 -7.89 5.85
C PHE B 264 30.14 -7.03 4.93
N HIS B 265 29.75 -7.60 3.79
CA HIS B 265 28.88 -6.90 2.84
C HIS B 265 27.89 -7.86 2.20
N MET B 266 26.72 -7.34 1.80
CA MET B 266 25.71 -8.16 1.15
C MET B 266 25.16 -7.50 -0.11
N ASP B 267 25.05 -8.28 -1.17
CA ASP B 267 24.39 -7.83 -2.39
C ASP B 267 22.88 -7.74 -2.15
N THR B 268 22.29 -6.60 -2.50
CA THR B 268 20.88 -6.35 -2.24
C THR B 268 19.96 -7.32 -2.98
N VAL B 269 20.28 -7.60 -4.24
CA VAL B 269 19.45 -8.46 -5.06
C VAL B 269 19.61 -9.93 -4.71
N SER B 270 20.86 -10.40 -4.73
CA SER B 270 21.15 -11.81 -4.50
C SER B 270 20.95 -12.22 -3.04
N GLY B 271 21.44 -11.37 -2.13
CA GLY B 271 21.39 -11.68 -0.71
C GLY B 271 22.56 -12.54 -0.30
N GLU B 272 23.65 -12.43 -1.04
CA GLU B 272 24.87 -13.19 -0.76
C GLU B 272 25.83 -12.37 0.08
N ILE B 273 26.36 -12.99 1.13
CA ILE B 273 27.29 -12.31 2.03
C ILE B 273 28.75 -12.58 1.64
N THR B 274 29.49 -11.50 1.41
CA THR B 274 30.90 -11.58 1.04
C THR B 274 31.75 -10.78 2.02
N VAL B 275 32.99 -11.21 2.21
CA VAL B 275 33.91 -10.53 3.10
C VAL B 275 34.69 -9.46 2.34
N ILE B 276 34.70 -8.25 2.89
CA ILE B 276 35.39 -7.13 2.25
C ILE B 276 36.47 -6.52 3.14
N GLY B 277 36.65 -7.11 4.32
CA GLY B 277 37.64 -6.62 5.26
C GLY B 277 38.43 -7.75 5.91
N ILE B 278 39.66 -7.46 6.30
CA ILE B 278 40.49 -8.46 6.95
C ILE B 278 39.89 -8.84 8.29
N ILE B 279 39.55 -10.11 8.45
CA ILE B 279 39.00 -10.57 9.71
C ILE B 279 40.06 -11.34 10.48
N ASP B 280 40.17 -11.07 11.78
CA ASP B 280 41.16 -11.73 12.59
C ASP B 280 40.49 -12.45 13.75
N PHE B 281 40.94 -13.67 14.03
CA PHE B 281 40.39 -14.45 15.14
C PHE B 281 40.73 -13.78 16.46
N GLU B 282 41.92 -13.19 16.52
CA GLU B 282 42.40 -12.51 17.72
C GLU B 282 41.67 -11.20 17.93
N GLU B 283 41.25 -10.58 16.83
CA GLU B 283 40.49 -9.34 16.88
C GLU B 283 39.06 -9.60 17.37
N SER B 284 38.38 -10.52 16.71
CA SER B 284 37.02 -10.90 17.08
C SER B 284 36.75 -12.36 16.73
N LYS B 285 36.21 -13.09 17.69
CA LYS B 285 35.98 -14.53 17.53
C LYS B 285 34.75 -14.83 16.69
N ALA B 286 33.71 -14.04 16.87
CA ALA B 286 32.46 -14.26 16.15
C ALA B 286 31.72 -12.95 15.89
N TYR B 287 30.86 -12.97 14.87
CA TYR B 287 30.09 -11.79 14.50
C TYR B 287 28.59 -12.12 14.46
N LYS B 288 27.78 -11.25 15.06
CA LYS B 288 26.34 -11.42 15.05
C LYS B 288 25.71 -10.33 14.19
N ILE B 289 25.07 -10.74 13.09
CA ILE B 289 24.57 -9.80 12.10
C ILE B 289 23.06 -9.90 11.91
N PRO B 290 22.33 -8.81 12.22
CA PRO B 290 20.89 -8.75 11.97
C PRO B 290 20.58 -8.46 10.49
N LEU B 291 19.64 -9.20 9.92
CA LEU B 291 19.30 -9.02 8.50
C LEU B 291 17.82 -8.75 8.30
N GLU B 292 17.53 -7.83 7.39
CA GLU B 292 16.16 -7.43 7.08
C GLU B 292 15.89 -7.54 5.58
N ALA B 293 14.73 -8.06 5.22
CA ALA B 293 14.33 -8.21 3.83
C ALA B 293 12.99 -7.54 3.57
N ARG B 294 12.91 -6.73 2.52
CA ARG B 294 11.68 -5.99 2.24
C ARG B 294 11.18 -6.17 0.81
N ASP B 295 9.87 -6.32 0.65
CA ASP B 295 9.27 -6.48 -0.67
C ASP B 295 9.05 -5.13 -1.35
N LYS B 296 8.50 -5.15 -2.57
CA LYS B 296 8.37 -3.93 -3.37
C LYS B 296 7.01 -3.26 -3.23
N GLY B 297 6.07 -3.92 -2.57
CA GLY B 297 4.73 -3.38 -2.38
C GLY B 297 4.75 -2.09 -1.58
N PHE B 298 3.75 -1.23 -1.78
CA PHE B 298 3.69 0.03 -1.07
C PHE B 298 3.47 -0.17 0.44
N PRO B 299 2.52 -1.02 0.83
CA PRO B 299 2.58 -1.38 2.25
C PRO B 299 3.55 -2.54 2.45
N GLN B 300 4.84 -2.23 2.47
CA GLN B 300 5.86 -3.27 2.50
C GLN B 300 6.11 -3.79 3.90
N LEU B 301 6.18 -5.10 4.02
CA LEU B 301 6.46 -5.76 5.30
C LEU B 301 7.88 -6.31 5.32
N PRO B 302 8.56 -6.20 6.47
CA PRO B 302 9.93 -6.69 6.62
C PRO B 302 10.01 -8.11 7.17
N GLY B 303 11.12 -8.78 6.89
CA GLY B 303 11.39 -10.09 7.46
C GLY B 303 12.77 -10.08 8.07
N HIS B 304 12.89 -10.51 9.32
CA HIS B 304 14.14 -10.39 10.05
C HIS B 304 14.76 -11.74 10.41
N CYS B 305 16.08 -11.85 10.24
CA CYS B 305 16.80 -13.05 10.65
C CYS B 305 18.26 -12.72 10.95
N THR B 306 18.80 -13.26 12.04
CA THR B 306 20.14 -12.93 12.46
C THR B 306 21.13 -14.09 12.24
N ILE B 307 22.22 -13.80 11.55
CA ILE B 307 23.26 -14.79 11.29
C ILE B 307 24.44 -14.63 12.24
N LEU B 308 24.83 -15.73 12.88
CA LEU B 308 25.98 -15.74 13.77
C LEU B 308 27.12 -16.51 13.12
N VAL B 309 28.18 -15.80 12.74
CA VAL B 309 29.32 -16.44 12.09
C VAL B 309 30.49 -16.60 13.05
N GLU B 310 31.06 -17.80 13.08
CA GLU B 310 32.19 -18.09 13.96
C GLU B 310 33.49 -18.20 13.17
N VAL B 311 34.54 -17.55 13.67
CA VAL B 311 35.84 -17.59 13.03
C VAL B 311 36.70 -18.68 13.67
N VAL B 312 37.33 -19.51 12.85
CA VAL B 312 38.17 -20.58 13.35
C VAL B 312 39.62 -20.13 13.44
N ASP B 313 40.25 -20.39 14.59
CA ASP B 313 41.63 -20.00 14.82
C ASP B 313 42.59 -20.85 14.00
N ALA B 314 43.25 -20.21 13.04
CA ALA B 314 44.29 -20.87 12.26
C ALA B 314 45.65 -20.50 12.82
N ASN B 315 46.56 -21.45 12.84
CA ASN B 315 47.90 -21.21 13.36
C ASN B 315 48.67 -20.24 12.46
N ASP B 316 48.52 -18.95 12.72
CA ASP B 316 49.15 -17.93 11.89
C ASP B 316 50.05 -16.98 12.68
N ASN B 317 50.33 -17.33 13.93
CA ASN B 317 51.21 -16.50 14.76
C ASN B 317 52.29 -17.33 15.47
N ALA B 318 53.54 -16.93 15.28
CA ALA B 318 54.67 -17.62 15.92
C ALA B 318 54.74 -17.27 17.41
N PRO B 319 55.09 -18.26 18.24
CA PRO B 319 55.17 -18.09 19.69
C PRO B 319 56.22 -17.06 20.12
N GLN B 320 55.76 -15.86 20.46
CA GLN B 320 56.65 -14.80 20.92
C GLN B 320 57.14 -15.07 22.34
N LEU B 321 58.46 -15.23 22.49
CA LEU B 321 59.04 -15.47 23.80
C LEU B 321 60.02 -14.36 24.18
N THR B 322 60.13 -14.10 25.48
CA THR B 322 61.06 -13.10 25.98
C THR B 322 61.96 -13.69 27.07
N VAL B 323 63.25 -13.38 26.97
CA VAL B 323 64.23 -13.79 27.97
C VAL B 323 64.31 -12.77 29.11
N SER B 324 64.10 -13.24 30.33
CA SER B 324 64.08 -12.35 31.50
C SER B 324 65.07 -12.79 32.58
N SER B 325 65.47 -11.82 33.41
CA SER B 325 66.43 -12.04 34.49
C SER B 325 67.77 -12.53 33.98
N LEU B 326 68.45 -11.69 33.22
CA LEU B 326 69.79 -12.01 32.70
C LEU B 326 70.81 -12.10 33.82
N SER B 327 71.37 -13.29 34.01
CA SER B 327 72.38 -13.52 35.03
C SER B 327 73.71 -13.88 34.40
N LEU B 328 74.67 -12.95 34.48
CA LEU B 328 75.99 -13.15 33.88
C LEU B 328 76.84 -14.23 34.59
N PRO B 329 77.00 -14.14 35.92
CA PRO B 329 77.93 -15.10 36.51
C PRO B 329 77.32 -16.44 36.92
N VAL B 330 78.05 -17.51 36.69
CA VAL B 330 77.71 -18.84 37.17
C VAL B 330 78.97 -19.52 37.71
N SER B 331 79.01 -19.73 39.01
CA SER B 331 80.20 -20.28 39.67
C SER B 331 80.46 -21.72 39.26
N GLU B 332 81.73 -22.11 39.29
CA GLU B 332 82.15 -23.45 38.91
C GLU B 332 81.66 -24.51 39.90
N ASP B 333 81.67 -24.15 41.18
CA ASP B 333 81.30 -25.07 42.25
C ASP B 333 79.79 -25.23 42.44
N SER B 334 79.00 -24.58 41.57
CA SER B 334 77.55 -24.61 41.69
C SER B 334 76.96 -26.01 41.63
N GLN B 335 76.25 -26.39 42.68
CA GLN B 335 75.60 -27.70 42.76
C GLN B 335 74.38 -27.73 41.85
N PRO B 336 74.08 -28.91 41.28
CA PRO B 336 72.90 -29.08 40.41
C PRO B 336 71.60 -28.69 41.11
N GLY B 337 70.68 -28.11 40.35
CA GLY B 337 69.41 -27.66 40.90
C GLY B 337 69.32 -26.15 41.08
N ARG B 338 70.36 -25.44 40.64
CA ARG B 338 70.40 -23.99 40.71
CA ARG B 338 70.39 -23.99 40.73
C ARG B 338 69.89 -23.35 39.42
N VAL B 339 68.90 -22.47 39.55
CA VAL B 339 68.37 -21.76 38.40
C VAL B 339 69.35 -20.72 37.89
N VAL B 340 69.28 -20.43 36.59
CA VAL B 340 70.19 -19.47 35.96
C VAL B 340 69.45 -18.24 35.45
N THR B 341 68.54 -18.45 34.51
CA THR B 341 67.75 -17.37 33.93
C THR B 341 66.28 -17.74 33.84
N LEU B 342 65.42 -16.77 33.52
CA LEU B 342 63.99 -17.02 33.41
C LEU B 342 63.52 -16.80 31.97
N ILE B 343 62.52 -17.56 31.54
CA ILE B 343 61.98 -17.43 30.19
C ILE B 343 60.45 -17.34 30.19
N SER B 344 59.91 -16.36 29.47
CA SER B 344 58.45 -16.21 29.38
C SER B 344 57.96 -16.39 27.95
N VAL B 345 57.18 -17.43 27.70
CA VAL B 345 56.72 -17.72 26.35
C VAL B 345 55.21 -17.47 26.21
N PHE B 346 54.83 -16.69 25.21
CA PHE B 346 53.42 -16.39 24.97
C PHE B 346 53.07 -16.61 23.50
N ASP B 347 51.81 -16.95 23.24
CA ASP B 347 51.35 -17.19 21.88
C ASP B 347 50.03 -16.47 21.61
N ARG B 348 49.97 -15.75 20.50
CA ARG B 348 48.78 -14.99 20.13
C ARG B 348 47.61 -15.91 19.76
N ASP B 349 47.92 -17.03 19.13
CA ASP B 349 46.90 -18.00 18.74
C ASP B 349 46.28 -18.66 19.97
N SER B 350 45.14 -19.31 19.79
CA SER B 350 44.45 -19.96 20.89
C SER B 350 44.02 -21.39 20.55
N GLY B 351 44.01 -22.26 21.55
CA GLY B 351 43.64 -23.65 21.36
C GLY B 351 44.83 -24.58 21.23
N ALA B 352 44.71 -25.55 20.33
CA ALA B 352 45.77 -26.53 20.11
C ALA B 352 47.05 -25.89 19.59
N ASN B 353 46.88 -24.88 18.73
CA ASN B 353 48.03 -24.14 18.21
C ASN B 353 48.37 -22.95 19.10
N GLY B 354 47.83 -22.96 20.32
CA GLY B 354 48.14 -21.94 21.30
C GLY B 354 49.16 -22.43 22.31
N GLN B 355 49.13 -23.72 22.60
CA GLN B 355 50.08 -24.32 23.55
C GLN B 355 51.46 -24.47 22.92
N VAL B 356 52.49 -24.25 23.73
CA VAL B 356 53.86 -24.30 23.24
C VAL B 356 54.72 -25.27 24.04
N THR B 357 55.61 -25.97 23.35
CA THR B 357 56.54 -26.88 24.01
C THR B 357 57.99 -26.45 23.77
N CYS B 358 58.67 -26.06 24.85
CA CYS B 358 60.04 -25.58 24.74
C CYS B 358 61.07 -26.67 25.02
N SER B 359 62.25 -26.51 24.45
CA SER B 359 63.36 -27.43 24.67
C SER B 359 64.68 -26.74 24.30
N LEU B 360 65.80 -27.36 24.65
CA LEU B 360 67.10 -26.78 24.34
C LEU B 360 68.05 -27.84 23.78
N THR B 361 69.31 -27.45 23.61
CA THR B 361 70.33 -28.36 23.08
C THR B 361 70.56 -29.54 24.01
N PRO B 362 70.39 -30.76 23.49
CA PRO B 362 70.55 -32.00 24.25
C PRO B 362 72.00 -32.22 24.72
N HIS B 363 72.96 -31.81 23.91
CA HIS B 363 74.37 -31.94 24.27
C HIS B 363 74.80 -30.78 25.15
N ILE B 364 74.13 -30.66 26.30
CA ILE B 364 74.36 -29.56 27.23
C ILE B 364 73.99 -30.04 28.64
N PRO B 365 74.84 -29.70 29.63
CA PRO B 365 74.59 -30.15 31.02
C PRO B 365 73.34 -29.53 31.64
N PHE B 366 72.94 -28.37 31.15
CA PHE B 366 71.75 -27.68 31.67
C PHE B 366 70.47 -28.39 31.26
N LYS B 367 69.45 -28.31 32.11
CA LYS B 367 68.13 -28.86 31.80
C LYS B 367 67.06 -27.83 32.10
N LEU B 368 65.98 -27.84 31.32
CA LEU B 368 64.92 -26.86 31.46
C LEU B 368 63.64 -27.45 32.05
N VAL B 369 63.06 -26.75 33.03
CA VAL B 369 61.85 -27.21 33.69
C VAL B 369 60.94 -26.02 34.00
N SER B 370 59.64 -26.21 33.84
CA SER B 370 58.66 -25.14 34.07
C SER B 370 57.92 -25.33 35.39
N THR B 371 57.62 -24.21 36.05
CA THR B 371 56.87 -24.24 37.30
C THR B 371 55.42 -23.80 37.13
N PHE B 372 55.19 -22.76 36.32
CA PHE B 372 53.85 -22.21 36.17
C PHE B 372 53.53 -21.82 34.73
N LYS B 373 52.40 -22.32 34.22
CA LYS B 373 51.89 -21.95 32.90
C LYS B 373 52.93 -22.13 31.81
N ASN B 374 53.11 -21.08 31.00
CA ASN B 374 54.11 -21.09 29.94
C ASN B 374 55.39 -20.37 30.36
N TYR B 375 55.58 -20.22 31.67
CA TYR B 375 56.81 -19.66 32.21
C TYR B 375 57.80 -20.77 32.55
N TYR B 376 59.00 -20.69 31.96
CA TYR B 376 60.00 -21.73 32.12
C TYR B 376 61.21 -21.18 32.88
N SER B 377 61.86 -22.05 33.66
CA SER B 377 63.05 -21.65 34.41
C SER B 377 64.22 -22.57 34.12
N LEU B 378 65.37 -21.98 33.80
CA LEU B 378 66.55 -22.74 33.42
C LEU B 378 67.33 -23.21 34.63
N VAL B 379 67.31 -24.52 34.88
CA VAL B 379 67.93 -25.12 36.05
C VAL B 379 69.23 -25.82 35.65
N LEU B 380 70.22 -25.77 36.54
CA LEU B 380 71.51 -26.39 36.28
C LEU B 380 71.55 -27.86 36.68
N ASP B 381 72.07 -28.69 35.78
CA ASP B 381 72.20 -30.11 36.02
C ASP B 381 73.64 -30.54 35.70
N SER B 382 74.09 -31.59 36.38
CA SER B 382 75.44 -32.15 36.19
C SER B 382 76.54 -31.18 36.67
N ALA B 383 77.76 -31.68 36.73
CA ALA B 383 78.90 -30.90 37.23
C ALA B 383 79.48 -30.02 36.13
N LEU B 384 80.26 -29.02 36.53
CA LEU B 384 80.86 -28.10 35.56
C LEU B 384 82.29 -27.73 35.94
N ASP B 385 83.11 -27.46 34.94
CA ASP B 385 84.47 -27.00 35.16
C ASP B 385 84.78 -25.85 34.21
N ARG B 386 85.30 -24.76 34.77
CA ARG B 386 85.59 -23.57 33.98
C ARG B 386 86.67 -23.81 32.93
N GLU B 387 87.72 -24.50 33.34
CA GLU B 387 88.90 -24.71 32.50
C GLU B 387 88.61 -25.58 31.28
N THR B 388 87.80 -26.61 31.47
CA THR B 388 87.44 -27.48 30.36
C THR B 388 86.49 -26.76 29.39
N ILE B 389 85.48 -26.10 29.94
CA ILE B 389 84.55 -25.30 29.14
C ILE B 389 84.30 -23.95 29.79
N ALA B 390 84.57 -22.87 29.04
CA ALA B 390 84.55 -21.52 29.61
C ALA B 390 83.14 -20.94 29.63
N ASN B 391 82.48 -20.96 28.48
CA ASN B 391 81.13 -20.39 28.38
C ASN B 391 80.25 -21.13 27.37
N TYR B 392 78.94 -21.11 27.64
CA TYR B 392 77.96 -21.74 26.78
C TYR B 392 77.09 -20.71 26.09
N ASP B 393 76.76 -20.94 24.82
CA ASP B 393 75.80 -20.10 24.13
C ASP B 393 74.58 -20.96 23.80
N VAL B 394 73.71 -21.09 24.80
CA VAL B 394 72.56 -21.97 24.71
C VAL B 394 71.46 -21.43 23.80
N ILE B 395 71.04 -22.25 22.84
CA ILE B 395 69.96 -21.90 21.93
C ILE B 395 68.68 -22.62 22.35
N VAL B 396 67.67 -21.84 22.71
CA VAL B 396 66.39 -22.39 23.15
C VAL B 396 65.35 -22.38 22.03
N THR B 397 64.80 -23.56 21.74
CA THR B 397 63.80 -23.71 20.70
C THR B 397 62.40 -23.90 21.28
N ALA B 398 61.46 -23.09 20.83
CA ALA B 398 60.07 -23.17 21.27
C ALA B 398 59.19 -23.63 20.12
N ARG B 399 58.50 -24.75 20.31
CA ARG B 399 57.67 -25.32 19.27
C ARG B 399 56.19 -25.00 19.47
N ASP B 400 55.58 -24.45 18.43
CA ASP B 400 54.16 -24.16 18.40
C ASP B 400 53.41 -25.29 17.71
N GLY B 401 52.58 -26.00 18.46
CA GLY B 401 51.85 -27.14 17.94
C GLY B 401 50.84 -26.81 16.87
N GLY B 402 50.21 -27.84 16.32
CA GLY B 402 49.25 -27.65 15.25
C GLY B 402 49.87 -27.92 13.90
N SER B 403 49.05 -27.92 12.86
CA SER B 403 49.54 -28.14 11.50
C SER B 403 49.30 -26.91 10.63
N PRO B 404 50.38 -26.30 10.14
CA PRO B 404 51.77 -26.70 10.39
C PRO B 404 52.32 -26.18 11.70
N SER B 405 53.36 -26.81 12.23
CA SER B 405 53.96 -26.38 13.49
C SER B 405 54.91 -25.22 13.26
N LEU B 406 54.96 -24.30 14.20
CA LEU B 406 55.85 -23.14 14.09
C LEU B 406 57.02 -23.25 15.04
N TRP B 407 58.06 -22.45 14.81
CA TRP B 407 59.25 -22.48 15.67
C TRP B 407 59.67 -21.06 16.04
N ALA B 408 60.16 -20.91 17.27
CA ALA B 408 60.70 -19.64 17.73
C ALA B 408 61.92 -19.87 18.60
N THR B 409 63.07 -19.39 18.13
CA THR B 409 64.34 -19.66 18.77
C THR B 409 64.91 -18.44 19.48
N ALA B 410 65.75 -18.68 20.47
CA ALA B 410 66.38 -17.61 21.24
C ALA B 410 67.82 -17.96 21.58
N SER B 411 68.72 -16.99 21.41
CA SER B 411 70.12 -17.21 21.72
C SER B 411 70.49 -16.56 23.05
N VAL B 412 70.95 -17.38 23.99
CA VAL B 412 71.32 -16.91 25.31
C VAL B 412 72.79 -17.19 25.62
N SER B 413 73.51 -16.14 26.03
CA SER B 413 74.93 -16.26 26.35
C SER B 413 75.14 -16.37 27.86
N VAL B 414 75.68 -17.50 28.30
CA VAL B 414 75.96 -17.72 29.71
C VAL B 414 77.44 -18.06 29.91
N GLU B 415 78.07 -17.37 30.86
CA GLU B 415 79.48 -17.58 31.14
C GLU B 415 79.71 -18.14 32.54
N VAL B 416 80.76 -18.95 32.70
CA VAL B 416 81.07 -19.56 33.98
C VAL B 416 82.10 -18.71 34.73
N ALA B 417 81.87 -18.53 36.04
CA ALA B 417 82.75 -17.72 36.86
C ALA B 417 83.92 -18.55 37.39
N ASP B 418 85.08 -17.93 37.47
CA ASP B 418 86.28 -18.63 37.93
C ASP B 418 86.26 -18.83 39.44
N VAL B 419 86.54 -20.06 39.86
CA VAL B 419 86.64 -20.39 41.28
C VAL B 419 88.01 -21.00 41.54
N ASN B 420 88.73 -20.45 42.52
CA ASN B 420 90.07 -20.93 42.83
C ASN B 420 90.06 -22.37 43.31
N ASP B 421 90.31 -23.30 42.39
CA ASP B 421 90.35 -24.71 42.72
C ASP B 421 91.62 -25.37 42.18
N ASN B 422 92.49 -24.55 41.60
CA ASN B 422 93.77 -25.01 41.10
C ASN B 422 94.94 -24.36 41.83
N ALA B 423 96.13 -24.92 41.65
CA ALA B 423 97.32 -24.41 42.31
C ALA B 423 98.39 -24.05 41.29
N PRO B 424 99.16 -22.98 41.56
CA PRO B 424 100.23 -22.57 40.64
C PRO B 424 101.31 -23.64 40.54
N LEU B 425 101.57 -24.11 39.33
CA LEU B 425 102.55 -25.17 39.11
C LEU B 425 103.70 -24.73 38.23
N PHE B 426 104.91 -24.96 38.70
CA PHE B 426 106.11 -24.69 37.90
C PHE B 426 106.19 -25.73 36.79
N ALA B 427 107.11 -25.53 35.86
CA ALA B 427 107.28 -26.46 34.74
C ALA B 427 107.62 -27.85 35.24
N GLN B 428 108.71 -27.94 36.00
CA GLN B 428 109.14 -29.22 36.58
C GLN B 428 110.16 -29.05 37.70
N PRO B 429 109.91 -29.69 38.85
CA PRO B 429 110.90 -29.79 39.93
C PRO B 429 111.89 -30.92 39.63
N GLU B 430 113.17 -30.73 39.97
CA GLU B 430 113.65 -29.53 40.63
C GLU B 430 114.51 -28.69 39.70
N TYR B 431 114.93 -27.51 40.15
CA TYR B 431 115.75 -26.64 39.30
C TYR B 431 117.14 -26.41 39.86
N THR B 432 118.15 -26.45 39.00
CA THR B 432 119.54 -26.26 39.42
C THR B 432 120.27 -25.29 38.49
N VAL B 433 120.99 -24.35 39.09
CA VAL B 433 121.76 -23.37 38.31
C VAL B 433 123.17 -23.21 38.89
N PHE B 434 124.14 -22.82 38.06
CA PHE B 434 125.49 -22.59 38.53
C PHE B 434 125.95 -21.15 38.26
N VAL B 435 126.21 -20.41 39.33
CA VAL B 435 126.54 -18.99 39.22
C VAL B 435 128.05 -18.73 39.12
N LYS B 436 128.40 -17.71 38.33
CA LYS B 436 129.78 -17.25 38.14
C LYS B 436 130.52 -17.01 39.46
N GLU B 437 131.80 -17.36 39.51
CA GLU B 437 132.62 -17.17 40.70
C GLU B 437 132.67 -15.72 41.19
N ASN B 438 133.16 -14.80 40.36
CA ASN B 438 133.19 -13.39 40.72
C ASN B 438 131.87 -12.70 40.34
N ASN B 439 130.84 -12.98 41.13
CA ASN B 439 129.49 -12.48 40.89
C ASN B 439 129.30 -11.07 41.44
N PRO B 440 128.85 -10.14 40.58
CA PRO B 440 128.57 -8.76 41.02
C PRO B 440 127.24 -8.65 41.75
N PRO B 441 127.09 -7.61 42.59
CA PRO B 441 125.86 -7.42 43.37
C PRO B 441 124.69 -6.96 42.53
N GLY B 442 123.50 -7.48 42.83
CA GLY B 442 122.29 -7.09 42.13
C GLY B 442 122.22 -7.65 40.72
N ALA B 443 122.70 -8.87 40.54
CA ALA B 443 122.71 -9.49 39.22
C ALA B 443 121.71 -10.64 39.15
N HIS B 444 120.90 -10.66 38.10
CA HIS B 444 119.94 -11.75 37.93
C HIS B 444 120.65 -13.05 37.55
N ILE B 445 120.31 -14.12 38.26
CA ILE B 445 120.95 -15.41 38.03
C ILE B 445 120.00 -16.36 37.31
N PHE B 446 118.72 -16.31 37.68
CA PHE B 446 117.72 -17.18 37.08
C PHE B 446 116.34 -16.57 37.27
N THR B 447 115.40 -16.96 36.40
CA THR B 447 114.02 -16.49 36.50
C THR B 447 113.07 -17.67 36.56
N VAL B 448 112.57 -17.97 37.76
CA VAL B 448 111.67 -19.10 37.94
C VAL B 448 110.32 -18.78 37.32
N SER B 449 109.60 -19.81 36.90
CA SER B 449 108.30 -19.62 36.25
C SER B 449 107.24 -20.58 36.78
N ALA B 450 106.01 -20.07 36.84
CA ALA B 450 104.87 -20.87 37.28
C ALA B 450 103.64 -20.47 36.48
N MET B 451 102.73 -21.43 36.30
CA MET B 451 101.54 -21.20 35.50
C MET B 451 100.31 -21.81 36.18
N ASP B 452 99.15 -21.23 35.92
CA ASP B 452 97.91 -21.71 36.53
C ASP B 452 96.84 -21.97 35.48
N ALA B 453 95.76 -22.60 35.89
CA ALA B 453 94.67 -22.93 34.98
C ALA B 453 93.48 -21.99 35.18
N ASP B 454 93.42 -21.38 36.37
CA ASP B 454 92.34 -20.45 36.69
C ASP B 454 92.51 -19.12 35.97
N ALA B 455 91.76 -18.12 36.40
CA ALA B 455 91.82 -16.80 35.79
C ALA B 455 91.90 -15.70 36.83
N GLN B 456 92.37 -14.53 36.39
CA GLN B 456 92.47 -13.34 37.24
C GLN B 456 93.30 -13.59 38.50
N GLU B 457 92.77 -13.18 39.64
CA GLU B 457 93.49 -13.27 40.91
C GLU B 457 93.82 -14.71 41.29
N ASN B 458 93.00 -15.65 40.85
CA ASN B 458 93.25 -17.06 41.13
C ASN B 458 94.43 -17.57 40.32
N ALA B 459 94.69 -16.90 39.20
CA ALA B 459 95.81 -17.27 38.33
C ALA B 459 97.03 -16.40 38.61
N LEU B 460 96.89 -15.49 39.57
CA LEU B 460 97.99 -14.61 39.96
C LEU B 460 99.06 -15.36 40.73
N VAL B 461 100.28 -15.34 40.21
CA VAL B 461 101.40 -16.02 40.83
C VAL B 461 102.24 -15.06 41.69
N SER B 462 102.41 -15.40 42.95
CA SER B 462 103.24 -14.61 43.86
C SER B 462 104.40 -15.45 44.37
N TYR B 463 105.62 -15.03 44.02
CA TYR B 463 106.82 -15.77 44.38
C TYR B 463 107.43 -15.31 45.70
N SER B 464 107.79 -16.25 46.54
CA SER B 464 108.40 -15.95 47.83
C SER B 464 109.52 -16.94 48.15
N LEU B 465 110.24 -16.68 49.23
CA LEU B 465 111.37 -17.54 49.64
C LEU B 465 111.19 -18.07 51.06
N VAL B 466 111.88 -19.17 51.35
CA VAL B 466 111.89 -19.73 52.69
C VAL B 466 113.12 -19.25 53.45
N GLU B 467 113.07 -19.30 54.78
CA GLU B 467 114.16 -18.80 55.62
C GLU B 467 115.35 -19.76 55.68
N ARG B 468 115.08 -21.01 56.04
CA ARG B 468 116.08 -22.09 56.13
C ARG B 468 117.15 -21.86 57.20
N ARG B 469 117.78 -22.95 57.62
CA ARG B 469 118.82 -22.93 58.65
C ARG B 469 120.07 -22.21 58.20
N VAL B 470 120.37 -22.31 56.90
CA VAL B 470 121.53 -21.66 56.31
C VAL B 470 121.41 -20.14 56.44
N GLY B 471 120.17 -19.65 56.44
CA GLY B 471 119.94 -18.23 56.67
C GLY B 471 120.37 -17.88 58.08
N GLU B 472 120.13 -18.79 59.02
CA GLU B 472 120.58 -18.64 60.39
C GLU B 472 122.10 -18.75 60.47
N ARG B 473 122.71 -19.45 59.52
CA ARG B 473 124.17 -19.57 59.44
C ARG B 473 124.87 -18.21 59.26
N LEU B 474 124.11 -17.20 58.80
CA LEU B 474 124.50 -15.79 58.84
C LEU B 474 125.37 -15.22 57.72
N LEU B 475 125.45 -15.87 56.56
CA LEU B 475 126.21 -15.29 55.45
C LEU B 475 125.61 -13.96 55.01
N SER B 476 124.29 -13.94 54.83
CA SER B 476 123.54 -12.76 54.39
C SER B 476 122.06 -13.12 54.29
N SER B 477 121.25 -12.13 53.93
CA SER B 477 119.85 -12.42 53.59
C SER B 477 119.78 -13.01 52.18
N TYR B 478 120.96 -13.36 51.66
CA TYR B 478 121.16 -14.00 50.35
C TYR B 478 120.38 -13.35 49.20
N VAL B 479 119.90 -14.20 48.30
CA VAL B 479 119.20 -13.72 47.11
C VAL B 479 117.85 -13.09 47.44
N SER B 480 117.49 -12.07 46.65
CA SER B 480 116.18 -11.43 46.75
C SER B 480 115.38 -11.67 45.48
N VAL B 481 114.13 -12.06 45.62
CA VAL B 481 113.31 -12.39 44.46
C VAL B 481 112.23 -11.35 44.22
N HIS B 482 111.83 -11.20 42.96
CA HIS B 482 110.75 -10.29 42.61
C HIS B 482 109.45 -11.07 42.43
N ALA B 483 108.47 -10.81 43.28
CA ALA B 483 107.22 -11.56 43.29
C ALA B 483 106.43 -11.40 41.98
N GLU B 484 106.59 -10.25 41.35
CA GLU B 484 105.86 -9.94 40.12
C GLU B 484 106.41 -10.65 38.89
N SER B 485 107.72 -10.83 38.83
CA SER B 485 108.35 -11.42 37.66
C SER B 485 108.87 -12.83 37.94
N GLY B 486 109.49 -13.00 39.11
CA GLY B 486 110.07 -14.28 39.47
C GLY B 486 111.56 -14.33 39.21
N LYS B 487 112.15 -13.15 39.01
CA LYS B 487 113.58 -13.05 38.80
C LYS B 487 114.33 -13.23 40.11
N VAL B 488 115.45 -13.93 40.06
CA VAL B 488 116.26 -14.13 41.26
C VAL B 488 117.52 -13.28 41.18
N PHE B 489 117.71 -12.41 42.16
CA PHE B 489 118.85 -11.49 42.17
C PHE B 489 119.87 -11.86 43.23
N ALA B 490 121.14 -11.87 42.83
CA ALA B 490 122.24 -12.16 43.74
C ALA B 490 122.98 -10.87 44.08
N LEU B 491 123.49 -10.77 45.30
CA LEU B 491 124.12 -9.55 45.77
C LEU B 491 125.48 -9.82 46.43
N GLN B 492 126.09 -10.95 46.11
CA GLN B 492 127.37 -11.30 46.72
C GLN B 492 128.29 -12.09 45.80
N PRO B 493 129.58 -11.73 45.80
CA PRO B 493 130.60 -12.51 45.10
C PRO B 493 130.78 -13.89 45.74
N LEU B 494 130.89 -14.93 44.94
CA LEU B 494 131.01 -16.28 45.46
C LEU B 494 132.37 -16.52 46.11
N ASP B 495 132.36 -17.27 47.21
CA ASP B 495 133.59 -17.59 47.92
C ASP B 495 133.70 -19.08 48.19
N HIS B 496 134.85 -19.50 48.72
CA HIS B 496 135.07 -20.92 49.01
C HIS B 496 135.30 -21.13 50.51
N GLU B 497 134.53 -22.06 51.09
CA GLU B 497 134.65 -22.37 52.51
C GLU B 497 134.85 -23.86 52.73
N LEU B 501 127.09 -26.11 48.63
CA LEU B 501 125.77 -26.66 48.35
C LEU B 501 124.68 -25.76 48.90
N LEU B 502 123.93 -25.11 48.02
CA LEU B 502 122.84 -24.24 48.46
C LEU B 502 121.51 -24.74 47.89
N GLN B 503 120.59 -25.08 48.78
CA GLN B 503 119.26 -25.55 48.37
C GLN B 503 118.16 -24.78 49.06
N PHE B 504 117.36 -24.04 48.29
CA PHE B 504 116.27 -23.26 48.87
C PHE B 504 114.97 -23.41 48.09
N GLN B 505 113.85 -23.23 48.80
CA GLN B 505 112.53 -23.43 48.22
C GLN B 505 111.85 -22.13 47.81
N VAL B 506 111.51 -22.02 46.53
CA VAL B 506 110.77 -20.86 46.03
C VAL B 506 109.27 -21.19 45.98
N SER B 507 108.47 -20.45 46.74
CA SER B 507 107.06 -20.75 46.85
C SER B 507 106.17 -19.79 46.05
N ALA B 508 105.50 -20.31 45.04
CA ALA B 508 104.53 -19.52 44.26
C ALA B 508 103.12 -19.77 44.77
N ARG B 509 102.38 -18.70 45.04
CA ARG B 509 101.05 -18.81 45.62
C ARG B 509 100.01 -18.00 44.85
N ASP B 510 98.73 -18.33 45.09
CA ASP B 510 97.62 -17.64 44.44
C ASP B 510 97.17 -16.41 45.23
N ALA B 511 96.16 -15.72 44.70
CA ALA B 511 95.60 -14.54 45.36
C ALA B 511 94.12 -14.71 45.69
N GLY B 512 93.55 -15.85 45.32
CA GLY B 512 92.15 -16.15 45.60
C GLY B 512 91.90 -16.30 47.08
N VAL B 513 90.63 -16.21 47.49
CA VAL B 513 90.28 -16.31 48.91
C VAL B 513 90.63 -17.70 49.50
N PRO B 514 90.39 -18.80 48.76
CA PRO B 514 91.02 -20.01 49.27
C PRO B 514 92.41 -20.16 48.65
N ALA B 515 93.36 -19.35 49.12
CA ALA B 515 94.67 -19.27 48.48
C ALA B 515 95.41 -20.59 48.55
N LEU B 516 95.96 -21.00 47.41
CA LEU B 516 96.72 -22.23 47.31
C LEU B 516 98.08 -21.97 46.66
N GLY B 517 99.11 -22.62 47.17
CA GLY B 517 100.45 -22.41 46.65
C GLY B 517 101.29 -23.67 46.64
N SER B 518 102.36 -23.65 45.87
CA SER B 518 103.31 -24.76 45.83
C SER B 518 104.73 -24.22 45.70
N ASN B 519 105.69 -24.94 46.28
CA ASN B 519 107.07 -24.50 46.27
C ASN B 519 107.97 -25.48 45.51
N VAL B 520 108.90 -24.93 44.74
CA VAL B 520 109.84 -25.77 44.00
C VAL B 520 111.24 -25.56 44.54
N THR B 521 112.04 -26.63 44.57
CA THR B 521 113.38 -26.54 45.11
C THR B 521 114.39 -26.11 44.04
N LEU B 522 115.11 -25.05 44.36
CA LEU B 522 116.16 -24.53 43.48
C LEU B 522 117.50 -24.67 44.19
N GLN B 523 118.49 -25.14 43.45
CA GLN B 523 119.81 -25.40 44.01
C GLN B 523 120.92 -24.74 43.20
N VAL B 524 121.90 -24.21 43.92
CA VAL B 524 123.10 -23.67 43.29
C VAL B 524 124.33 -24.23 44.00
N PHE B 525 125.31 -24.66 43.21
CA PHE B 525 126.53 -25.25 43.73
C PHE B 525 127.74 -24.45 43.29
N VAL B 526 128.42 -23.81 44.25
CA VAL B 526 129.62 -23.04 43.93
C VAL B 526 130.63 -23.07 45.08
N LEU B 527 131.87 -23.41 44.76
CA LEU B 527 132.94 -23.45 45.74
C LEU B 527 134.22 -22.91 45.13
N ASP B 528 134.08 -22.02 44.15
CA ASP B 528 135.20 -21.41 43.47
C ASP B 528 135.38 -19.96 43.88
#